data_8IBU
#
_entry.id   8IBU
#
loop_
_entity.id
_entity.type
_entity.pdbx_description
1 polymer 'Guanine nucleotide-binding protein G(q) subunit alpha'
2 polymer 'Guanine nucleotide-binding protein G(I)/G(S)/G(T) subunit beta-1'
3 polymer scFv16
4 polymer 'Guanine nucleotide-binding protein G(I)/G(S)/G(O) subunit gamma-2'
5 polymer 'Soluble cytochrome b562,Motilin receptor,Fusion tag'
6 non-polymer 'ERYTHROMYCIN A'
#
loop_
_entity_poly.entity_id
_entity_poly.type
_entity_poly.pdbx_seq_one_letter_code
_entity_poly.pdbx_strand_id
1 'polypeptide(L)'
;MGCTLSAEDKAAVERSKMIEKQLQKDKQVYRRTLRLLLLGADNSGKSTIVKQMRIYHVNGYSEEECKQYKAVVYSNTIQS
IIAIIRAMGRLKIDFGDSARADDARQLFVLAGAAEEGFMTAELAGVIKRLWKDSGVQACFNRSREYQLNDSAAYYLNDLD
RIAQPNYIPTQQDVLRTRVKTSGIFETKFQVDKVNFHMFDVGAQRDERRKWIQCFNDVTAIIFVVDSSDYNRLQEALNDF
KSIWNNRWLRTISVILFLNKQDLLAEKVLAGKSKIEDYFPEFARYTTPEDATPEPGEDPRVTRAKYFIRKEFVDISTASG
DGRHICYPHFTCSVDTENARRIFNDCKDIILQMNLREYNLV
;
A
2 'polypeptide(L)'
;MGSLLQSELDQLRQEAEQLKNQIRDARKACADATLSQITNNIDPVGRIQMRTRRTLRGHLAKIYAMHWGTDSRLLVSASQ
DGKLIIWDSYTTNKVHAIPLRSSWVMTCAYAPSGNYVACGGLDNICSIYNLKTREGNVRVSRELAGHTGYLSCCRFLDDN
QIVTSSGDTTCALWDIETGQQTTTFTGHTGDVMSLSLAPDTRLFVSGACDASAKLWDVREGMCRQTFTGHESDINAICFF
PNGNAFATGSDDATCRLFDLRADQELMTYSHDNIICGITSVSFSKSGRLLLAGYDDFNCNVWDALKADRAGVLAGHDNRV
SCLGVTDDGMAVATGSWDSFLKIWNGSSGGGGSGGGGSSGVSGWRLFKKIS
;
B
3 'polypeptide(L)'
;VQLVESGGGLVQPGGSRKLSCSASGFAFSSFGMHWVRQAPEKGLEWVAYISSGSGTIYYADTVKGRFTISRDDPKNTLFL
QMTSLRSEDTAMYYCVRSIYYYGSSPFDFWGQGTTLTVSAGGGGSGGGGSGGGGSADIVMTQATSSVPVTPGESVSISCR
SSKSLLHSNGNTYLYWFLQRPGQSPQLLIYRMSNLASGVPDRFSGSGSGTAFTLTISRLEAEDVGVYYCMQHLEYPLTFG
AGTKLEL
;
E
4 'polypeptide(L)' ASNNTASIAQARKLVEQLKMEANIDRIKVSKAAADLMAYCEAHAKEDPLLTPVPASENPFREKKFFCAIL G
5 'polypeptide(L)'
;MKTIIALSYIFCLVFADYKDDDDAKLQTMHHHHHHHHHHADLEDNWETLNDNLKVIEKADNAAQVKDALTKMRAAALDAQ
KATPPKLEDKSPDSPEMKDFRHGFDILVGQIDDALKLANEGKVKEAQAAAEQLKTTRNAYIQKYLASENLYFQGGTMGSP
WNGSDGPEGAREPPWPALPPCDERRCSPFPLGALVPVTAVCLCLFVVGVSGNVVTVMLIGRYRDMRTTTNLYLGSMAVSD
LLILLGLPFDLYRLWRSRPWVFGPLLCRLSLYVGEGCTYATLLHMTALSVERYLAICRPLRARVLVTRRRVRALIAVLWA
VALLSAGPFLFLVGVEQDPGISVVPGLNGTARIASSPLASSPPLWLSRAPPPSPPSGPETAEAAALFSRECRPSPAQLGA
LRVMLWVTTAYFFLPFLCLSILYGLIGRELWSSRRPLRGPAASGRERGHRQTVRVLLVVVLAFIICWLPFHVGRIIYINT
EDSRMMYFSQYFNIVALQLFYLSASINPILYNLISKKYRAAAFKLLLARKSRPRGFHRSRDTAGEVAGDTGGDTVGYTET
SANVKTMGGSSGGGGSGGGGSSGVFTLEDFVGDWEQTAAYNLDQVLEQGGVSSLLQNLAVSVTPIQRIVRSGENALKIDI
HVIIPYEGLSADQMAQIEEVFKVVYPVDDHHFKVILPYGTLVIDGVTPNMLNYFGRPYEGIAVFDGKKITVTGTLWNGNK
IIDERLITPDGSMLFRVTINS
;
R
#
loop_
_chem_comp.id
_chem_comp.type
_chem_comp.name
_chem_comp.formula
ERY non-polymer 'ERYTHROMYCIN A' 'C37 H67 N O13'
#
# COMPACT_ATOMS: atom_id res chain seq x y z
N LEU A 5 -21.93 10.65 18.82
CA LEU A 5 -21.78 9.78 17.65
C LEU A 5 -22.73 8.60 17.72
N SER A 6 -23.22 8.16 16.57
CA SER A 6 -24.15 7.03 16.52
C SER A 6 -23.43 5.73 16.82
N ALA A 7 -24.22 4.69 17.14
CA ALA A 7 -23.65 3.40 17.47
C ALA A 7 -23.06 2.71 16.24
N GLU A 8 -23.70 2.87 15.08
CA GLU A 8 -23.21 2.21 13.87
C GLU A 8 -21.85 2.74 13.47
N ASP A 9 -21.63 4.05 13.61
CA ASP A 9 -20.33 4.62 13.27
C ASP A 9 -19.24 4.10 14.20
N LYS A 10 -19.53 4.00 15.49
CA LYS A 10 -18.54 3.47 16.43
C LYS A 10 -18.24 2.01 16.14
N ALA A 11 -19.26 1.22 15.82
CA ALA A 11 -19.02 -0.18 15.48
C ALA A 11 -18.21 -0.30 14.20
N ALA A 12 -18.46 0.57 13.23
CA ALA A 12 -17.67 0.56 12.00
C ALA A 12 -16.21 0.93 12.26
N VAL A 13 -15.98 1.91 13.13
CA VAL A 13 -14.61 2.28 13.49
C VAL A 13 -13.92 1.12 14.21
N GLU A 14 -14.66 0.42 15.08
CA GLU A 14 -14.08 -0.72 15.78
C GLU A 14 -13.73 -1.84 14.81
N ARG A 15 -14.61 -2.11 13.83
CA ARG A 15 -14.30 -3.13 12.83
C ARG A 15 -13.11 -2.72 11.97
N SER A 16 -12.99 -1.43 11.66
CA SER A 16 -11.84 -0.96 10.90
C SER A 16 -10.56 -1.11 11.70
N LYS A 17 -10.62 -0.85 13.01
CA LYS A 17 -9.45 -1.06 13.86
C LYS A 17 -9.07 -2.53 13.92
N MET A 18 -10.07 -3.41 13.97
CA MET A 18 -9.78 -4.85 13.94
C MET A 18 -9.13 -5.26 12.62
N ILE A 19 -9.62 -4.72 11.51
CA ILE A 19 -9.02 -5.04 10.22
C ILE A 19 -7.60 -4.51 10.13
N GLU A 20 -7.35 -3.32 10.70
CA GLU A 20 -6.00 -2.77 10.72
C GLU A 20 -5.07 -3.62 11.57
N LYS A 21 -5.57 -4.13 12.69
CA LYS A 21 -4.77 -5.03 13.53
C LYS A 21 -4.47 -6.33 12.79
N GLN A 22 -5.45 -6.84 12.04
CA GLN A 22 -5.21 -8.05 11.25
C GLN A 22 -4.14 -7.79 10.18
N LEU A 23 -4.19 -6.61 9.55
CA LEU A 23 -3.17 -6.26 8.56
C LEU A 23 -1.80 -6.13 9.20
N GLN A 24 -1.75 -5.55 10.40
CA GLN A 24 -0.47 -5.44 11.11
C GLN A 24 0.07 -6.80 11.49
N LYS A 25 -0.82 -7.75 11.82
CA LYS A 25 -0.37 -9.10 12.11
C LYS A 25 0.13 -9.80 10.85
N ASP A 26 -0.55 -9.58 9.72
CA ASP A 26 -0.11 -10.17 8.47
C ASP A 26 1.21 -9.55 8.00
N LYS A 27 1.50 -8.33 8.44
CA LYS A 27 2.77 -7.70 8.11
C LYS A 27 3.96 -8.55 8.57
N GLN A 28 3.81 -9.21 9.73
CA GLN A 28 4.92 -10.00 10.28
C GLN A 28 5.28 -11.15 9.36
N VAL A 29 4.29 -11.79 8.74
CA VAL A 29 4.57 -12.93 7.88
C VAL A 29 4.86 -12.46 6.46
N TYR A 30 4.38 -11.28 6.08
CA TYR A 30 4.62 -10.79 4.72
C TYR A 30 6.03 -10.21 4.59
N ARG A 31 6.54 -9.59 5.66
CA ARG A 31 7.86 -8.98 5.56
C ARG A 31 8.97 -9.99 5.80
N ARG A 32 8.69 -11.06 6.54
CA ARG A 32 9.69 -12.07 6.86
C ARG A 32 9.78 -13.18 5.81
N THR A 33 9.24 -12.97 4.61
CA THR A 33 9.34 -13.95 3.53
C THR A 33 10.00 -13.29 2.33
N LEU A 34 10.76 -14.07 1.58
CA LEU A 34 11.50 -13.58 0.42
C LEU A 34 10.85 -14.10 -0.86
N ARG A 35 10.46 -13.18 -1.73
CA ARG A 35 9.83 -13.52 -3.00
C ARG A 35 10.88 -13.54 -4.10
N LEU A 36 11.09 -14.71 -4.69
CA LEU A 36 12.04 -14.90 -5.78
C LEU A 36 11.28 -15.09 -7.09
N LEU A 37 11.90 -14.70 -8.19
CA LEU A 37 11.31 -14.82 -9.52
C LEU A 37 12.17 -15.77 -10.36
N LEU A 38 11.61 -16.92 -10.73
CA LEU A 38 12.33 -17.89 -11.54
C LEU A 38 12.07 -17.61 -13.01
N LEU A 39 13.14 -17.46 -13.79
CA LEU A 39 13.04 -17.19 -15.22
C LEU A 39 13.92 -18.17 -15.97
N GLY A 40 13.56 -18.39 -17.24
CA GLY A 40 14.31 -19.31 -18.09
C GLY A 40 13.62 -19.57 -19.41
N ALA A 41 14.37 -20.11 -20.37
CA ALA A 41 13.83 -20.41 -21.69
C ALA A 41 13.00 -21.69 -21.65
N ASP A 42 12.51 -22.10 -22.82
CA ASP A 42 11.69 -23.31 -22.89
C ASP A 42 12.55 -24.56 -22.66
N ASN A 43 13.74 -24.60 -23.27
CA ASN A 43 14.61 -25.76 -23.10
C ASN A 43 15.30 -25.80 -21.75
N SER A 44 15.15 -24.75 -20.93
CA SER A 44 15.79 -24.73 -19.63
C SER A 44 15.21 -25.81 -18.72
N GLY A 45 16.04 -26.30 -17.80
CA GLY A 45 15.63 -27.35 -16.89
C GLY A 45 15.03 -26.83 -15.60
N LYS A 46 14.21 -25.77 -15.69
CA LYS A 46 13.59 -25.22 -14.49
C LYS A 46 12.54 -26.16 -13.92
N SER A 47 11.95 -27.03 -14.76
CA SER A 47 10.97 -27.99 -14.27
C SER A 47 11.61 -28.99 -13.32
N THR A 48 12.78 -29.52 -13.68
CA THR A 48 13.51 -30.39 -12.76
C THR A 48 13.86 -29.66 -11.47
N ILE A 49 14.20 -28.38 -11.58
CA ILE A 49 14.56 -27.60 -10.39
C ILE A 49 13.36 -27.49 -9.46
N VAL A 50 12.20 -27.12 -10.00
CA VAL A 50 11.03 -26.91 -9.13
C VAL A 50 10.51 -28.23 -8.59
N LYS A 51 10.69 -29.32 -9.34
CA LYS A 51 10.17 -30.60 -8.85
C LYS A 51 11.13 -31.25 -7.86
N GLN A 52 12.42 -30.93 -7.93
CA GLN A 52 13.39 -31.53 -7.02
C GLN A 52 13.73 -30.66 -5.83
N MET A 53 13.35 -29.38 -5.83
CA MET A 53 13.64 -28.47 -4.73
C MET A 53 12.42 -28.26 -3.82
N ARG A 54 11.60 -29.29 -3.63
CA ARG A 54 10.42 -29.19 -2.77
C ARG A 54 10.81 -29.52 -1.32
N ILE A 55 11.70 -28.71 -0.78
CA ILE A 55 12.19 -28.89 0.57
C ILE A 55 11.19 -28.32 1.58
N THR A 181 -3.63 -24.14 -18.11
CA THR A 181 -4.15 -22.80 -18.38
C THR A 181 -3.81 -21.91 -17.19
N SER A 182 -3.31 -22.54 -16.13
CA SER A 182 -2.94 -21.81 -14.92
C SER A 182 -1.87 -20.76 -15.22
N GLY A 183 -1.89 -19.69 -14.43
CA GLY A 183 -0.99 -18.57 -14.65
C GLY A 183 0.27 -18.64 -13.81
N ILE A 184 0.36 -17.77 -12.80
CA ILE A 184 1.54 -17.74 -11.94
C ILE A 184 1.64 -19.07 -11.19
N PHE A 185 2.86 -19.56 -11.04
CA PHE A 185 3.13 -20.79 -10.31
C PHE A 185 3.93 -20.46 -9.05
N GLU A 186 3.36 -20.77 -7.89
CA GLU A 186 3.96 -20.45 -6.61
C GLU A 186 4.56 -21.72 -5.99
N THR A 187 5.78 -21.60 -5.46
CA THR A 187 6.44 -22.70 -4.77
C THR A 187 7.01 -22.15 -3.47
N LYS A 188 6.47 -22.61 -2.34
CA LYS A 188 6.91 -22.16 -1.02
C LYS A 188 7.80 -23.24 -0.41
N PHE A 189 9.05 -22.91 -0.15
CA PHE A 189 9.98 -23.87 0.44
C PHE A 189 10.77 -23.21 1.56
N GLN A 190 10.87 -23.90 2.69
CA GLN A 190 11.54 -23.38 3.88
C GLN A 190 12.83 -24.15 4.10
N VAL A 191 13.96 -23.42 4.13
CA VAL A 191 15.27 -23.99 4.38
C VAL A 191 16.01 -23.05 5.32
N ASP A 192 16.85 -23.62 6.19
CA ASP A 192 17.58 -22.84 7.19
C ASP A 192 16.65 -21.93 7.99
N LYS A 193 15.49 -22.46 8.35
CA LYS A 193 14.45 -21.80 9.15
C LYS A 193 13.87 -20.56 8.46
N VAL A 194 14.29 -20.26 7.22
CA VAL A 194 13.75 -19.12 6.48
C VAL A 194 13.03 -19.64 5.24
N ASN A 195 11.87 -19.06 4.95
CA ASN A 195 11.06 -19.52 3.82
C ASN A 195 11.30 -18.65 2.59
N PHE A 196 11.04 -19.24 1.42
CA PHE A 196 11.14 -18.55 0.14
C PHE A 196 9.92 -18.89 -0.70
N HIS A 197 9.36 -17.88 -1.35
CA HIS A 197 8.23 -18.03 -2.27
C HIS A 197 8.74 -17.74 -3.67
N MET A 198 8.90 -18.79 -4.47
CA MET A 198 9.37 -18.66 -5.84
C MET A 198 8.19 -18.61 -6.80
N PHE A 199 8.20 -17.63 -7.70
CA PHE A 199 7.14 -17.44 -8.67
C PHE A 199 7.68 -17.71 -10.08
N ASP A 200 6.97 -18.55 -10.83
CA ASP A 200 7.36 -18.94 -12.17
C ASP A 200 6.22 -18.62 -13.13
N VAL A 201 6.57 -18.11 -14.32
CA VAL A 201 5.62 -17.77 -15.36
C VAL A 201 5.88 -18.70 -16.55
N GLY A 202 4.89 -19.51 -16.89
CA GLY A 202 5.03 -20.45 -17.99
C GLY A 202 3.96 -20.31 -19.05
N ALA A 203 2.81 -19.76 -18.69
CA ALA A 203 1.67 -19.66 -19.60
C ALA A 203 1.67 -18.36 -20.41
N GLN A 204 2.68 -17.51 -20.25
CA GLN A 204 2.77 -16.26 -20.97
C GLN A 204 3.57 -16.43 -22.26
N ARG A 205 3.30 -15.55 -23.22
CA ARG A 205 3.97 -15.58 -24.51
C ARG A 205 5.35 -14.92 -24.38
N ASP A 206 5.98 -14.64 -25.53
CA ASP A 206 7.29 -14.01 -25.53
C ASP A 206 7.25 -12.58 -25.02
N GLU A 207 6.07 -11.99 -24.89
CA GLU A 207 5.93 -10.64 -24.35
C GLU A 207 6.33 -10.65 -22.88
N ARG A 208 7.38 -9.89 -22.55
CA ARG A 208 7.89 -9.83 -21.19
C ARG A 208 8.04 -8.42 -20.65
N ARG A 209 8.31 -7.43 -21.50
CA ARG A 209 8.57 -6.07 -21.05
C ARG A 209 7.35 -5.42 -20.41
N LYS A 210 6.17 -6.03 -20.49
CA LYS A 210 4.96 -5.43 -19.95
C LYS A 210 4.69 -5.87 -18.52
N TRP A 211 4.60 -7.17 -18.29
CA TRP A 211 4.26 -7.68 -16.97
C TRP A 211 5.46 -7.72 -16.02
N ILE A 212 6.68 -7.63 -16.54
CA ILE A 212 7.86 -7.70 -15.69
C ILE A 212 7.93 -6.52 -14.72
N GLN A 213 7.28 -5.40 -15.06
CA GLN A 213 7.23 -4.28 -14.13
C GLN A 213 6.46 -4.63 -12.87
N CYS A 214 5.59 -5.64 -12.94
CA CYS A 214 4.90 -6.15 -11.76
C CYS A 214 5.84 -6.94 -10.85
N PHE A 215 6.95 -7.45 -11.38
CA PHE A 215 7.89 -8.24 -10.60
C PHE A 215 9.02 -7.40 -10.01
N ASN A 216 8.76 -6.13 -9.74
CA ASN A 216 9.75 -5.27 -9.11
C ASN A 216 9.72 -5.44 -7.60
N ASP A 217 10.78 -4.95 -6.95
CA ASP A 217 10.97 -4.97 -5.50
C ASP A 217 11.15 -6.39 -4.97
N VAL A 218 11.18 -7.40 -5.85
CA VAL A 218 11.33 -8.78 -5.38
C VAL A 218 12.74 -8.98 -4.82
N THR A 219 12.90 -10.10 -4.11
CA THR A 219 14.16 -10.38 -3.44
C THR A 219 15.26 -10.69 -4.46
N ALA A 220 15.03 -11.66 -5.33
CA ALA A 220 16.04 -12.07 -6.29
C ALA A 220 15.38 -12.63 -7.54
N ILE A 221 16.13 -12.66 -8.62
CA ILE A 221 15.69 -13.19 -9.91
C ILE A 221 16.64 -14.31 -10.27
N ILE A 222 16.16 -15.55 -10.18
CA ILE A 222 16.96 -16.73 -10.50
C ILE A 222 16.71 -17.06 -11.97
N PHE A 223 17.69 -16.78 -12.82
CA PHE A 223 17.60 -17.04 -14.25
C PHE A 223 18.38 -18.31 -14.56
N VAL A 224 17.65 -19.40 -14.84
CA VAL A 224 18.25 -20.70 -15.13
C VAL A 224 18.33 -20.89 -16.63
N VAL A 225 19.49 -21.34 -17.11
CA VAL A 225 19.72 -21.59 -18.53
C VAL A 225 20.71 -22.73 -18.66
N ASP A 226 20.39 -23.68 -19.53
CA ASP A 226 21.26 -24.83 -19.80
C ASP A 226 22.25 -24.44 -20.90
N SER A 227 23.53 -24.66 -20.63
CA SER A 227 24.58 -24.32 -21.58
C SER A 227 24.90 -25.46 -22.55
N SER A 228 24.30 -26.63 -22.37
CA SER A 228 24.59 -27.76 -23.25
C SER A 228 24.09 -27.53 -24.66
N ASP A 229 23.07 -26.68 -24.83
CA ASP A 229 22.53 -26.37 -26.15
C ASP A 229 23.35 -25.23 -26.73
N TYR A 230 24.38 -25.58 -27.50
CA TYR A 230 25.26 -24.58 -28.11
C TYR A 230 24.57 -23.81 -29.23
N ASN A 231 23.43 -24.28 -29.74
CA ASN A 231 22.76 -23.60 -30.84
C ASN A 231 21.98 -22.39 -30.36
N ARG A 232 21.24 -22.53 -29.26
CA ARG A 232 20.40 -21.45 -28.73
C ARG A 232 21.08 -20.66 -27.62
N LEU A 233 22.42 -20.61 -27.63
CA LEU A 233 23.12 -19.82 -26.62
C LEU A 233 22.93 -18.32 -26.86
N GLN A 234 22.85 -17.92 -28.14
CA GLN A 234 22.68 -16.51 -28.45
C GLN A 234 21.32 -16.00 -27.98
N GLU A 235 20.28 -16.84 -28.09
CA GLU A 235 18.96 -16.43 -27.63
C GLU A 235 18.95 -16.22 -26.12
N ALA A 236 19.58 -17.14 -25.38
CA ALA A 236 19.65 -16.99 -23.93
C ALA A 236 20.49 -15.77 -23.55
N LEU A 237 21.57 -15.51 -24.29
CA LEU A 237 22.38 -14.33 -24.03
C LEU A 237 21.58 -13.05 -24.25
N ASN A 238 20.80 -12.99 -25.34
CA ASN A 238 19.97 -11.82 -25.59
C ASN A 238 18.89 -11.67 -24.53
N ASP A 239 18.32 -12.78 -24.07
CA ASP A 239 17.31 -12.72 -23.02
C ASP A 239 17.91 -12.19 -21.72
N PHE A 240 19.11 -12.67 -21.35
CA PHE A 240 19.76 -12.19 -20.15
C PHE A 240 20.14 -10.72 -20.27
N LYS A 241 20.55 -10.29 -21.47
CA LYS A 241 20.88 -8.89 -21.68
C LYS A 241 19.64 -8.01 -21.56
N SER A 242 18.51 -8.47 -22.10
CA SER A 242 17.27 -7.70 -21.97
C SER A 242 16.78 -7.67 -20.53
N ILE A 243 16.99 -8.74 -19.77
CA ILE A 243 16.57 -8.76 -18.38
C ILE A 243 17.45 -7.84 -17.54
N TRP A 244 18.76 -7.85 -17.78
CA TRP A 244 19.68 -7.06 -16.96
C TRP A 244 19.57 -5.57 -17.31
N ASN A 245 19.34 -5.24 -18.58
CA ASN A 245 19.27 -3.86 -19.02
C ASN A 245 17.84 -3.30 -18.99
N ASN A 246 16.97 -3.86 -18.15
CA ASN A 246 15.60 -3.37 -18.04
C ASN A 246 15.57 -2.08 -17.23
N ARG A 247 14.65 -1.18 -17.60
CA ARG A 247 14.55 0.11 -16.91
C ARG A 247 14.00 -0.06 -15.50
N TRP A 248 13.07 -0.98 -15.31
CA TRP A 248 12.48 -1.21 -13.98
C TRP A 248 13.27 -2.22 -13.16
N LEU A 249 13.97 -3.14 -13.81
CA LEU A 249 14.76 -4.16 -13.12
C LEU A 249 16.21 -3.72 -12.87
N ARG A 250 16.46 -2.40 -12.82
CA ARG A 250 17.82 -1.92 -12.63
C ARG A 250 18.31 -2.15 -11.20
N THR A 251 17.39 -2.25 -10.24
CA THR A 251 17.78 -2.43 -8.84
C THR A 251 17.84 -3.89 -8.42
N ILE A 252 17.01 -4.74 -9.00
CA ILE A 252 16.96 -6.15 -8.62
C ILE A 252 18.07 -6.90 -9.35
N SER A 253 18.89 -7.62 -8.58
CA SER A 253 19.96 -8.42 -9.16
C SER A 253 19.39 -9.68 -9.80
N VAL A 254 20.27 -10.39 -10.52
CA VAL A 254 19.90 -11.62 -11.22
C VAL A 254 20.88 -12.72 -10.83
N ILE A 255 20.36 -13.82 -10.32
CA ILE A 255 21.17 -14.97 -9.93
C ILE A 255 21.23 -15.92 -11.13
N LEU A 256 22.42 -16.10 -11.67
CA LEU A 256 22.62 -16.92 -12.86
C LEU A 256 22.96 -18.35 -12.47
N PHE A 257 22.22 -19.31 -13.03
CA PHE A 257 22.45 -20.73 -12.82
C PHE A 257 22.66 -21.43 -14.15
N LEU A 258 23.69 -22.26 -14.23
CA LEU A 258 23.98 -23.04 -15.43
C LEU A 258 23.63 -24.50 -15.14
N ASN A 259 22.47 -24.92 -15.62
CA ASN A 259 21.97 -26.27 -15.38
C ASN A 259 22.46 -27.24 -16.45
N LYS A 260 22.29 -28.53 -16.18
CA LYS A 260 22.65 -29.61 -17.10
C LYS A 260 24.15 -29.56 -17.45
N GLN A 261 24.97 -29.74 -16.41
CA GLN A 261 26.41 -29.71 -16.60
C GLN A 261 26.96 -31.05 -17.06
N ASP A 262 26.35 -32.16 -16.62
CA ASP A 262 26.86 -33.48 -16.98
C ASP A 262 26.68 -33.74 -18.48
N LEU A 263 25.55 -33.34 -19.05
CA LEU A 263 25.33 -33.53 -20.48
C LEU A 263 26.33 -32.73 -21.30
N LEU A 264 26.56 -31.47 -20.92
CA LEU A 264 27.55 -30.64 -21.61
C LEU A 264 28.94 -31.24 -21.49
N ALA A 265 29.29 -31.73 -20.29
CA ALA A 265 30.62 -32.32 -20.09
C ALA A 265 30.80 -33.55 -20.96
N GLU A 266 29.79 -34.42 -20.99
CA GLU A 266 29.89 -35.63 -21.81
C GLU A 266 29.95 -35.29 -23.30
N LYS A 267 29.18 -34.29 -23.74
CA LYS A 267 29.18 -33.91 -25.15
C LYS A 267 30.49 -33.29 -25.56
N VAL A 268 31.13 -32.51 -24.69
CA VAL A 268 32.41 -31.91 -25.03
C VAL A 268 33.56 -32.90 -24.85
N LEU A 269 33.39 -33.93 -24.02
CA LEU A 269 34.41 -34.96 -23.90
C LEU A 269 34.37 -35.93 -25.07
N ALA A 270 33.17 -36.24 -25.58
CA ALA A 270 33.08 -37.14 -26.74
C ALA A 270 33.50 -36.44 -28.02
N GLY A 271 33.41 -35.10 -28.06
CA GLY A 271 33.79 -34.36 -29.23
C GLY A 271 32.75 -34.34 -30.33
N LYS A 272 31.47 -34.47 -30.00
CA LYS A 272 30.42 -34.48 -31.02
C LYS A 272 30.13 -33.07 -31.52
N SER A 273 29.75 -32.17 -30.61
CA SER A 273 29.47 -30.78 -30.95
C SER A 273 30.41 -29.87 -30.16
N LYS A 274 31.16 -29.04 -30.87
CA LYS A 274 32.15 -28.17 -30.27
C LYS A 274 31.64 -26.73 -30.20
N ILE A 275 32.39 -25.89 -29.48
CA ILE A 275 31.94 -24.52 -29.24
C ILE A 275 32.38 -23.56 -30.34
N GLU A 276 33.58 -23.74 -30.91
CA GLU A 276 34.10 -22.75 -31.85
C GLU A 276 33.28 -22.72 -33.14
N ASP A 277 32.46 -23.75 -33.39
CA ASP A 277 31.58 -23.74 -34.55
C ASP A 277 30.47 -22.70 -34.43
N TYR A 278 30.22 -22.17 -33.24
CA TYR A 278 29.22 -21.15 -33.01
C TYR A 278 29.80 -19.83 -32.54
N PHE A 279 30.78 -19.86 -31.64
CA PHE A 279 31.43 -18.67 -31.13
C PHE A 279 32.91 -18.68 -31.51
N PRO A 280 33.39 -17.74 -32.31
CA PRO A 280 34.82 -17.75 -32.68
C PRO A 280 35.75 -17.35 -31.56
N GLU A 281 35.22 -16.86 -30.43
CA GLU A 281 36.06 -16.45 -29.31
C GLU A 281 36.48 -17.62 -28.43
N PHE A 282 35.98 -18.83 -28.70
CA PHE A 282 36.35 -19.97 -27.88
C PHE A 282 37.82 -20.36 -28.07
N ALA A 283 38.34 -20.22 -29.30
CA ALA A 283 39.74 -20.54 -29.53
C ALA A 283 40.66 -19.49 -28.94
N ARG A 284 40.24 -18.23 -28.97
CA ARG A 284 41.04 -17.12 -28.42
C ARG A 284 40.66 -16.88 -26.95
N TYR A 285 40.82 -17.94 -26.15
CA TYR A 285 40.53 -17.86 -24.72
C TYR A 285 41.40 -18.87 -23.98
N THR A 286 42.05 -18.42 -22.92
CA THR A 286 42.90 -19.26 -22.09
C THR A 286 42.26 -19.46 -20.72
N THR A 287 42.72 -20.50 -20.02
CA THR A 287 42.22 -20.78 -18.68
C THR A 287 42.70 -19.71 -17.72
N PRO A 288 41.80 -19.08 -16.96
CA PRO A 288 42.23 -18.06 -16.00
C PRO A 288 43.05 -18.65 -14.87
N GLU A 289 43.93 -17.82 -14.31
CA GLU A 289 44.84 -18.29 -13.26
C GLU A 289 44.10 -18.49 -11.93
N ASP A 290 43.09 -17.68 -11.65
CA ASP A 290 42.33 -17.78 -10.41
C ASP A 290 41.31 -18.90 -10.41
N ALA A 291 41.36 -19.81 -11.38
CA ALA A 291 40.40 -20.91 -11.43
C ALA A 291 40.66 -21.90 -10.31
N THR A 292 39.58 -22.32 -9.65
CA THR A 292 39.62 -23.31 -8.57
C THR A 292 38.71 -24.47 -8.94
N PRO A 293 39.17 -25.36 -9.82
CA PRO A 293 38.32 -26.47 -10.27
C PRO A 293 38.20 -27.55 -9.22
N GLU A 294 37.12 -28.32 -9.33
CA GLU A 294 36.90 -29.47 -8.46
C GLU A 294 37.82 -30.61 -8.87
N PRO A 295 38.64 -31.14 -7.95
CA PRO A 295 39.53 -32.26 -8.30
C PRO A 295 38.74 -33.44 -8.83
N GLY A 296 39.12 -33.90 -10.03
CA GLY A 296 38.47 -35.03 -10.65
C GLY A 296 37.63 -34.68 -11.87
N GLU A 297 38.10 -33.73 -12.68
CA GLU A 297 37.44 -33.39 -13.93
C GLU A 297 38.48 -33.06 -14.98
N ASP A 298 38.13 -33.29 -16.25
CA ASP A 298 39.04 -33.00 -17.33
C ASP A 298 39.22 -31.48 -17.48
N PRO A 299 40.44 -31.03 -17.79
CA PRO A 299 40.65 -29.59 -17.99
C PRO A 299 39.82 -28.99 -19.11
N ARG A 300 39.38 -29.80 -20.08
CA ARG A 300 38.61 -29.26 -21.19
C ARG A 300 37.24 -28.76 -20.74
N VAL A 301 36.55 -29.55 -19.91
CA VAL A 301 35.24 -29.11 -19.43
C VAL A 301 35.39 -27.90 -18.51
N THR A 302 36.50 -27.82 -17.77
CA THR A 302 36.74 -26.66 -16.93
C THR A 302 36.96 -25.41 -17.78
N ARG A 303 37.77 -25.53 -18.84
CA ARG A 303 37.97 -24.41 -19.75
C ARG A 303 36.66 -23.99 -20.41
N ALA A 304 35.83 -24.95 -20.79
CA ALA A 304 34.56 -24.63 -21.43
C ALA A 304 33.63 -23.90 -20.47
N LYS A 305 33.48 -24.41 -19.24
CA LYS A 305 32.58 -23.76 -18.28
C LYS A 305 33.11 -22.39 -17.88
N TYR A 306 34.43 -22.23 -17.79
CA TYR A 306 34.98 -20.92 -17.46
C TYR A 306 34.81 -19.93 -18.60
N PHE A 307 34.92 -20.39 -19.84
CA PHE A 307 34.66 -19.52 -20.99
C PHE A 307 33.20 -19.10 -21.02
N ILE A 308 32.29 -20.03 -20.73
CA ILE A 308 30.87 -19.68 -20.68
C ILE A 308 30.60 -18.67 -19.56
N ARG A 309 31.23 -18.87 -18.40
CA ARG A 309 31.05 -17.94 -17.29
C ARG A 309 31.60 -16.56 -17.63
N LYS A 310 32.76 -16.51 -18.30
CA LYS A 310 33.31 -15.22 -18.71
C LYS A 310 32.42 -14.53 -19.73
N GLU A 311 31.86 -15.29 -20.67
CA GLU A 311 30.97 -14.70 -21.66
C GLU A 311 29.70 -14.17 -21.02
N PHE A 312 29.20 -14.86 -19.98
CA PHE A 312 28.02 -14.38 -19.28
C PHE A 312 28.34 -13.15 -18.44
N VAL A 313 29.52 -13.11 -17.81
CA VAL A 313 29.90 -11.96 -17.01
C VAL A 313 30.13 -10.73 -17.88
N ASP A 314 30.64 -10.93 -19.10
CA ASP A 314 30.89 -9.79 -19.99
C ASP A 314 29.60 -9.03 -20.30
N ILE A 315 28.49 -9.74 -20.44
CA ILE A 315 27.22 -9.07 -20.66
C ILE A 315 26.53 -8.72 -19.35
N SER A 316 26.90 -9.39 -18.25
CA SER A 316 26.31 -9.06 -16.96
C SER A 316 26.90 -7.77 -16.39
N THR A 317 28.21 -7.57 -16.57
CA THR A 317 28.85 -6.37 -16.04
C THR A 317 28.48 -5.11 -16.83
N ALA A 318 27.87 -5.27 -18.00
CA ALA A 318 27.49 -4.10 -18.80
C ALA A 318 26.41 -3.30 -18.10
N SER A 319 26.63 -2.00 -17.98
CA SER A 319 25.69 -1.08 -17.32
C SER A 319 25.40 -1.51 -15.89
N GLY A 320 26.45 -1.92 -15.17
CA GLY A 320 26.30 -2.34 -13.79
C GLY A 320 26.06 -1.20 -12.83
N ASP A 321 26.97 -0.22 -12.84
CA ASP A 321 26.91 0.98 -12.02
C ASP A 321 26.92 0.69 -10.52
N GLY A 322 27.31 -0.53 -10.13
CA GLY A 322 27.38 -0.87 -8.72
C GLY A 322 26.05 -1.00 -8.00
N ARG A 323 24.93 -0.86 -8.71
CA ARG A 323 23.63 -0.97 -8.07
C ARG A 323 23.19 -2.43 -7.95
N HIS A 324 23.68 -3.31 -8.82
CA HIS A 324 23.33 -4.72 -8.77
C HIS A 324 24.47 -5.52 -9.40
N ILE A 325 24.70 -6.72 -8.86
CA ILE A 325 25.75 -7.61 -9.33
C ILE A 325 25.15 -8.99 -9.56
N CYS A 326 25.60 -9.66 -10.62
CA CYS A 326 25.12 -11.00 -10.93
C CYS A 326 25.89 -12.04 -10.12
N TYR A 327 25.30 -13.22 -10.01
CA TYR A 327 25.88 -14.34 -9.26
C TYR A 327 25.92 -15.57 -10.15
N PRO A 328 26.92 -15.67 -11.02
CA PRO A 328 27.05 -16.87 -11.87
C PRO A 328 27.47 -18.07 -11.03
N HIS A 329 26.64 -19.12 -11.09
CA HIS A 329 26.89 -20.33 -10.33
C HIS A 329 26.57 -21.55 -11.19
N PHE A 330 27.26 -22.65 -10.91
CA PHE A 330 27.10 -23.89 -11.64
C PHE A 330 26.23 -24.86 -10.85
N THR A 331 25.35 -25.57 -11.56
CA THR A 331 24.42 -26.48 -10.92
C THR A 331 24.12 -27.64 -11.86
N CYS A 332 23.45 -28.66 -11.32
CA CYS A 332 23.10 -29.85 -12.08
C CYS A 332 21.68 -30.27 -11.72
N SER A 333 21.20 -31.32 -12.39
CA SER A 333 19.85 -31.81 -12.13
C SER A 333 19.80 -32.64 -10.86
N VAL A 334 20.75 -33.56 -10.68
CA VAL A 334 20.81 -34.35 -9.46
C VAL A 334 21.37 -33.56 -8.29
N ASP A 335 21.83 -32.34 -8.54
CA ASP A 335 22.38 -31.49 -7.48
C ASP A 335 21.27 -31.12 -6.51
N THR A 336 21.52 -31.35 -5.22
CA THR A 336 20.52 -31.11 -4.18
C THR A 336 20.84 -29.91 -3.31
N GLU A 337 22.11 -29.52 -3.19
CA GLU A 337 22.47 -28.35 -2.39
C GLU A 337 22.28 -27.04 -3.12
N ASN A 338 21.49 -27.02 -4.21
CA ASN A 338 21.16 -25.77 -4.88
C ASN A 338 20.44 -24.81 -3.93
N ALA A 339 19.63 -25.36 -3.02
CA ALA A 339 18.93 -24.53 -2.04
C ALA A 339 19.92 -23.78 -1.16
N ARG A 340 21.01 -24.43 -0.77
CA ARG A 340 22.02 -23.77 0.06
C ARG A 340 22.69 -22.63 -0.70
N ARG A 341 22.97 -22.85 -1.98
CA ARG A 341 23.59 -21.81 -2.80
C ARG A 341 22.64 -20.63 -2.98
N ILE A 342 21.35 -20.92 -3.19
CA ILE A 342 20.35 -19.85 -3.31
C ILE A 342 20.26 -19.08 -2.00
N PHE A 343 20.32 -19.78 -0.87
CA PHE A 343 20.26 -19.13 0.43
C PHE A 343 21.48 -18.22 0.63
N ASN A 344 22.66 -18.70 0.24
CA ASN A 344 23.88 -17.89 0.39
C ASN A 344 23.83 -16.66 -0.51
N ASP A 345 23.34 -16.83 -1.74
CA ASP A 345 23.23 -15.69 -2.65
C ASP A 345 22.24 -14.67 -2.12
N CYS A 346 21.10 -15.13 -1.60
CA CYS A 346 20.14 -14.21 -0.99
C CYS A 346 20.71 -13.54 0.24
N LYS A 347 21.53 -14.26 1.01
CA LYS A 347 22.20 -13.66 2.16
C LYS A 347 23.12 -12.53 1.73
N ASP A 348 23.89 -12.75 0.66
CA ASP A 348 24.77 -11.71 0.14
C ASP A 348 23.96 -10.51 -0.35
N ILE A 349 22.83 -10.80 -1.02
CA ILE A 349 21.97 -9.73 -1.53
C ILE A 349 21.41 -8.89 -0.38
N ILE A 350 20.97 -9.57 0.68
CA ILE A 350 20.41 -8.88 1.85
C ILE A 350 21.49 -8.08 2.57
N LEU A 351 22.71 -8.61 2.62
CA LEU A 351 23.82 -7.88 3.23
C LEU A 351 24.11 -6.61 2.44
N GLN A 352 24.12 -6.70 1.11
CA GLN A 352 24.35 -5.52 0.28
C GLN A 352 23.22 -4.51 0.45
N MET A 353 21.98 -5.00 0.55
CA MET A 353 20.83 -4.12 0.74
C MET A 353 20.94 -3.38 2.06
N ASN A 354 21.30 -4.09 3.13
CA ASN A 354 21.45 -3.46 4.44
C ASN A 354 22.64 -2.51 4.48
N LEU A 355 23.71 -2.80 3.74
CA LEU A 355 24.82 -1.85 3.65
C LEU A 355 24.41 -0.59 2.91
N ARG A 356 23.60 -0.72 1.86
CA ARG A 356 23.14 0.45 1.12
C ARG A 356 22.09 1.23 1.90
N GLU A 357 21.36 0.57 2.78
CA GLU A 357 20.25 1.18 3.51
C GLU A 357 20.67 1.76 4.85
N TYR A 358 21.46 1.03 5.63
CA TYR A 358 21.81 1.43 6.99
C TYR A 358 23.07 2.27 7.05
N ASN A 359 23.44 2.93 5.94
CA ASN A 359 24.53 3.89 5.91
C ASN A 359 25.85 3.28 6.36
N LEU A 360 26.32 2.29 5.61
CA LEU A 360 27.61 1.67 5.85
C LEU A 360 28.46 1.46 4.60
N VAL A 361 27.87 1.52 3.41
CA VAL A 361 28.62 1.32 2.18
C VAL A 361 29.43 2.57 1.84
N GLU B 8 -1.17 -15.40 -54.75
CA GLU B 8 -2.47 -14.88 -54.35
C GLU B 8 -2.35 -14.00 -53.11
N LEU B 9 -1.34 -14.28 -52.28
CA LEU B 9 -1.12 -13.48 -51.08
C LEU B 9 -0.69 -12.07 -51.42
N ASP B 10 0.10 -11.92 -52.49
CA ASP B 10 0.58 -10.58 -52.87
C ASP B 10 -0.57 -9.68 -53.30
N GLN B 11 -1.53 -10.23 -54.04
CA GLN B 11 -2.68 -9.44 -54.47
C GLN B 11 -3.52 -9.01 -53.26
N LEU B 12 -3.72 -9.91 -52.30
CA LEU B 12 -4.47 -9.56 -51.10
C LEU B 12 -3.75 -8.48 -50.30
N ARG B 13 -2.43 -8.59 -50.18
CA ARG B 13 -1.67 -7.57 -49.45
C ARG B 13 -1.74 -6.23 -50.16
N GLN B 14 -1.65 -6.23 -51.48
CA GLN B 14 -1.74 -4.98 -52.23
C GLN B 14 -3.12 -4.35 -52.08
N GLU B 15 -4.17 -5.18 -52.11
CA GLU B 15 -5.52 -4.65 -51.91
C GLU B 15 -5.68 -4.09 -50.49
N ALA B 16 -5.09 -4.74 -49.50
CA ALA B 16 -5.17 -4.25 -48.13
C ALA B 16 -4.46 -2.90 -47.99
N GLU B 17 -3.27 -2.77 -48.57
CA GLU B 17 -2.55 -1.50 -48.52
C GLU B 17 -3.29 -0.41 -49.29
N GLN B 18 -3.92 -0.78 -50.41
CA GLN B 18 -4.69 0.20 -51.17
C GLN B 18 -5.90 0.68 -50.36
N LEU B 19 -6.58 -0.24 -49.67
CA LEU B 19 -7.71 0.15 -48.83
C LEU B 19 -7.25 1.02 -47.66
N LYS B 20 -6.09 0.71 -47.10
CA LYS B 20 -5.55 1.54 -46.02
C LYS B 20 -5.24 2.94 -46.52
N ASN B 21 -4.63 3.05 -47.70
CA ASN B 21 -4.35 4.37 -48.27
C ASN B 21 -5.63 5.12 -48.57
N GLN B 22 -6.66 4.41 -49.05
CA GLN B 22 -7.94 5.06 -49.35
C GLN B 22 -8.60 5.59 -48.08
N ILE B 23 -8.60 4.80 -47.00
CA ILE B 23 -9.22 5.24 -45.77
C ILE B 23 -8.41 6.38 -45.13
N ARG B 24 -7.09 6.36 -45.33
CA ARG B 24 -6.26 7.47 -44.84
C ARG B 24 -6.58 8.75 -45.59
N ASP B 25 -6.71 8.68 -46.92
CA ASP B 25 -7.08 9.85 -47.69
C ASP B 25 -8.47 10.34 -47.34
N ALA B 26 -9.38 9.41 -47.04
CA ALA B 26 -10.74 9.80 -46.64
C ALA B 26 -10.74 10.51 -45.29
N ARG B 27 -9.94 10.01 -44.34
CA ARG B 27 -9.85 10.68 -43.04
C ARG B 27 -9.14 12.03 -43.16
N LYS B 28 -8.20 12.15 -44.10
CA LYS B 28 -7.52 13.43 -44.29
C LYS B 28 -8.44 14.46 -44.97
N ALA B 29 -9.28 14.01 -45.90
CA ALA B 29 -10.17 14.93 -46.60
C ALA B 29 -11.21 15.53 -45.67
N CYS B 30 -11.63 14.79 -44.64
CA CYS B 30 -12.62 15.29 -43.69
C CYS B 30 -12.01 16.23 -42.66
N ALA B 31 -10.67 16.35 -42.62
CA ALA B 31 -10.01 17.23 -41.65
C ALA B 31 -9.87 18.62 -42.27
N ASP B 32 -11.00 19.33 -42.30
CA ASP B 32 -10.99 20.68 -42.86
C ASP B 32 -10.42 21.70 -41.88
N ALA B 33 -10.58 21.48 -40.58
CA ALA B 33 -10.06 22.38 -39.57
C ALA B 33 -9.80 21.60 -38.29
N THR B 34 -8.82 22.06 -37.52
CA THR B 34 -8.46 21.42 -36.27
C THR B 34 -9.32 21.96 -35.12
N LEU B 35 -9.22 21.29 -33.97
CA LEU B 35 -10.00 21.71 -32.81
C LEU B 35 -9.48 23.01 -32.22
N SER B 36 -8.16 23.26 -32.34
CA SER B 36 -7.58 24.47 -31.77
C SER B 36 -8.11 25.73 -32.46
N GLN B 37 -8.22 25.69 -33.79
CA GLN B 37 -8.71 26.85 -34.53
C GLN B 37 -10.15 27.19 -34.18
N ILE B 38 -10.89 26.26 -33.57
CA ILE B 38 -12.26 26.51 -33.17
C ILE B 38 -12.35 26.88 -31.70
N THR B 39 -11.50 26.29 -30.86
CA THR B 39 -11.55 26.51 -29.42
C THR B 39 -10.65 27.64 -28.95
N ASN B 40 -9.91 28.29 -29.86
CA ASN B 40 -9.06 29.40 -29.45
C ASN B 40 -9.85 30.57 -28.88
N ASN B 41 -11.16 30.64 -29.15
CA ASN B 41 -11.99 31.75 -28.69
C ASN B 41 -12.63 31.50 -27.33
N ILE B 42 -12.48 30.31 -26.76
CA ILE B 42 -13.09 30.02 -25.47
C ILE B 42 -12.31 30.70 -24.36
N ASP B 43 -12.98 30.94 -23.24
CA ASP B 43 -12.32 31.57 -22.10
C ASP B 43 -11.26 30.65 -21.52
N PRO B 44 -10.24 31.21 -20.87
CA PRO B 44 -9.21 30.37 -20.26
C PRO B 44 -9.73 29.66 -19.03
N VAL B 45 -9.16 28.47 -18.79
CA VAL B 45 -9.57 27.67 -17.64
C VAL B 45 -8.86 28.08 -16.35
N GLY B 46 -7.73 28.79 -16.45
CA GLY B 46 -7.02 29.22 -15.26
C GLY B 46 -6.30 28.06 -14.59
N ARG B 47 -6.16 28.17 -13.27
CA ARG B 47 -5.50 27.16 -12.45
C ARG B 47 -6.49 26.61 -11.43
N ILE B 48 -6.37 25.31 -11.17
CA ILE B 48 -7.19 24.62 -10.17
C ILE B 48 -6.25 24.02 -9.14
N GLN B 49 -6.56 24.23 -7.86
CA GLN B 49 -5.76 23.69 -6.76
C GLN B 49 -6.51 22.53 -6.11
N MET B 50 -5.82 21.41 -5.95
CA MET B 50 -6.37 20.22 -5.29
C MET B 50 -5.51 19.88 -4.08
N ARG B 51 -6.15 19.75 -2.93
CA ARG B 51 -5.47 19.40 -1.69
C ARG B 51 -5.97 18.05 -1.20
N THR B 52 -5.07 17.31 -0.54
CA THR B 52 -5.40 15.98 -0.04
C THR B 52 -6.44 16.10 1.07
N ARG B 53 -7.66 15.65 0.79
CA ARG B 53 -8.73 15.68 1.78
C ARG B 53 -8.71 14.45 2.67
N ARG B 54 -8.62 13.27 2.08
CA ARG B 54 -8.54 12.02 2.81
C ARG B 54 -7.34 11.22 2.31
N THR B 55 -6.70 10.51 3.24
CA THR B 55 -5.56 9.65 2.93
C THR B 55 -5.90 8.23 3.40
N LEU B 56 -5.94 7.29 2.45
CA LEU B 56 -6.25 5.91 2.76
C LEU B 56 -4.97 5.10 2.86
N ARG B 57 -4.64 4.64 4.06
CA ARG B 57 -3.45 3.85 4.30
C ARG B 57 -3.84 2.51 4.91
N GLY B 58 -3.01 1.50 4.66
CA GLY B 58 -3.28 0.16 5.12
C GLY B 58 -2.87 -0.90 4.11
N HIS B 59 -2.58 -0.47 2.88
CA HIS B 59 -2.13 -1.41 1.85
C HIS B 59 -0.75 -1.94 2.20
N LEU B 60 -0.58 -3.24 2.08
CA LEU B 60 0.70 -3.88 2.41
C LEU B 60 1.64 -3.99 1.21
N ALA B 61 1.15 -3.73 0.01
CA ALA B 61 1.96 -3.81 -1.20
C ALA B 61 1.65 -2.61 -2.07
N LYS B 62 2.18 -2.61 -3.29
CA LYS B 62 1.98 -1.52 -4.22
C LYS B 62 0.58 -1.56 -4.82
N ILE B 63 -0.07 -0.40 -4.87
CA ILE B 63 -1.41 -0.28 -5.43
C ILE B 63 -1.31 -0.19 -6.94
N TYR B 64 -2.23 -0.85 -7.64
CA TYR B 64 -2.21 -0.91 -9.09
C TYR B 64 -3.53 -0.59 -9.77
N ALA B 65 -4.66 -0.71 -9.08
CA ALA B 65 -5.95 -0.44 -9.71
C ALA B 65 -6.98 -0.09 -8.64
N MET B 66 -7.97 0.71 -9.05
CA MET B 66 -9.07 1.08 -8.18
C MET B 66 -10.32 1.30 -9.02
N HIS B 67 -11.46 1.38 -8.35
CA HIS B 67 -12.73 1.60 -9.04
C HIS B 67 -13.77 2.07 -8.04
N TRP B 68 -14.58 3.05 -8.45
CA TRP B 68 -15.69 3.52 -7.66
C TRP B 68 -16.96 2.74 -8.00
N GLY B 69 -17.78 2.49 -6.99
CA GLY B 69 -19.02 1.77 -7.21
C GLY B 69 -20.10 2.64 -7.84
N THR B 70 -21.36 2.21 -7.74
CA THR B 70 -22.46 3.00 -8.28
C THR B 70 -22.63 4.31 -7.52
N ASP B 71 -22.17 4.36 -6.27
CA ASP B 71 -22.20 5.56 -5.45
C ASP B 71 -20.81 6.14 -5.30
N SER B 72 -20.74 7.44 -5.08
CA SER B 72 -19.47 8.13 -4.88
C SER B 72 -18.91 7.97 -3.48
N ARG B 73 -19.43 7.03 -2.70
CA ARG B 73 -18.98 6.82 -1.32
C ARG B 73 -18.03 5.65 -1.19
N LEU B 74 -18.39 4.48 -1.71
CA LEU B 74 -17.54 3.30 -1.61
C LEU B 74 -16.47 3.31 -2.69
N LEU B 75 -15.36 2.65 -2.39
CA LEU B 75 -14.26 2.53 -3.33
C LEU B 75 -13.61 1.17 -3.16
N VAL B 76 -13.14 0.59 -4.26
CA VAL B 76 -12.41 -0.68 -4.21
C VAL B 76 -11.03 -0.46 -4.81
N SER B 77 -10.05 -1.19 -4.28
CA SER B 77 -8.68 -1.05 -4.74
C SER B 77 -7.98 -2.41 -4.64
N ALA B 78 -6.90 -2.54 -5.40
CA ALA B 78 -6.12 -3.78 -5.44
C ALA B 78 -4.68 -3.51 -5.07
N SER B 79 -4.05 -4.50 -4.45
CA SER B 79 -2.66 -4.41 -4.05
C SER B 79 -1.99 -5.76 -4.25
N GLN B 80 -0.68 -5.74 -4.51
CA GLN B 80 0.07 -6.95 -4.83
C GLN B 80 0.14 -7.95 -3.68
N ASP B 81 -0.42 -7.63 -2.51
CA ASP B 81 -0.47 -8.58 -1.42
C ASP B 81 -1.52 -9.68 -1.63
N GLY B 82 -2.57 -9.40 -2.40
CA GLY B 82 -3.66 -10.35 -2.51
C GLY B 82 -4.79 -10.06 -1.56
N LYS B 83 -5.03 -8.79 -1.23
CA LYS B 83 -6.10 -8.39 -0.34
C LYS B 83 -6.88 -7.24 -0.97
N LEU B 84 -8.20 -7.36 -0.96
CA LEU B 84 -9.09 -6.33 -1.47
C LEU B 84 -9.76 -5.64 -0.30
N ILE B 85 -9.52 -4.33 -0.16
CA ILE B 85 -10.04 -3.54 0.94
C ILE B 85 -11.05 -2.54 0.38
N ILE B 86 -12.25 -2.53 0.96
CA ILE B 86 -13.29 -1.59 0.57
C ILE B 86 -13.13 -0.33 1.41
N TRP B 87 -12.84 0.79 0.76
CA TRP B 87 -12.59 2.06 1.43
C TRP B 87 -13.82 2.95 1.38
N ASP B 88 -14.00 3.73 2.45
CA ASP B 88 -15.06 4.71 2.55
C ASP B 88 -14.42 6.10 2.57
N SER B 89 -14.83 6.95 1.62
CA SER B 89 -14.18 8.25 1.46
C SER B 89 -14.65 9.27 2.49
N TYR B 90 -15.76 9.02 3.19
CA TYR B 90 -16.31 9.98 4.13
C TYR B 90 -15.76 9.78 5.54
N THR B 91 -16.00 8.62 6.15
CA THR B 91 -15.54 8.35 7.50
C THR B 91 -14.16 7.69 7.53
N THR B 92 -13.61 7.31 6.39
CA THR B 92 -12.23 6.82 6.28
C THR B 92 -12.01 5.57 7.11
N ASN B 93 -12.85 4.54 6.90
CA ASN B 93 -12.66 3.25 7.53
C ASN B 93 -12.65 2.14 6.48
N LYS B 94 -12.19 0.97 6.90
CA LYS B 94 -12.18 -0.21 6.04
C LYS B 94 -13.46 -1.01 6.25
N VAL B 95 -14.17 -1.29 5.15
CA VAL B 95 -15.45 -1.97 5.23
C VAL B 95 -15.26 -3.47 5.24
N HIS B 96 -14.66 -4.01 4.17
CA HIS B 96 -14.46 -5.44 4.03
C HIS B 96 -13.00 -5.72 3.73
N ALA B 97 -12.62 -7.00 3.87
CA ALA B 97 -11.27 -7.46 3.59
C ALA B 97 -11.38 -8.82 2.92
N ILE B 98 -11.22 -8.84 1.60
CA ILE B 98 -11.34 -10.06 0.80
C ILE B 98 -9.95 -10.62 0.57
N PRO B 99 -9.63 -11.81 1.09
CA PRO B 99 -8.32 -12.42 0.83
C PRO B 99 -8.31 -13.11 -0.53
N LEU B 100 -7.33 -12.76 -1.36
CA LEU B 100 -7.21 -13.35 -2.69
C LEU B 100 -6.24 -14.52 -2.67
N ARG B 101 -6.50 -15.49 -3.55
CA ARG B 101 -5.60 -16.64 -3.64
C ARG B 101 -4.30 -16.27 -4.35
N SER B 102 -4.39 -15.51 -5.44
CA SER B 102 -3.23 -15.04 -6.17
C SER B 102 -2.90 -13.62 -5.73
N SER B 103 -1.65 -13.41 -5.32
CA SER B 103 -1.25 -12.10 -4.82
C SER B 103 -1.03 -11.09 -5.95
N TRP B 104 -0.60 -11.55 -7.12
CA TRP B 104 -0.30 -10.67 -8.24
C TRP B 104 -1.60 -10.31 -8.95
N VAL B 105 -2.26 -9.28 -8.43
CA VAL B 105 -3.49 -8.74 -9.02
C VAL B 105 -3.14 -7.43 -9.72
N MET B 106 -3.74 -7.22 -10.89
CA MET B 106 -3.46 -6.03 -11.69
C MET B 106 -4.71 -5.22 -12.05
N THR B 107 -5.91 -5.75 -11.81
CA THR B 107 -7.13 -5.04 -12.17
C THR B 107 -8.21 -5.37 -11.15
N CYS B 108 -9.17 -4.46 -11.02
CA CYS B 108 -10.30 -4.65 -10.11
C CYS B 108 -11.45 -3.76 -10.58
N ALA B 109 -12.67 -4.23 -10.33
CA ALA B 109 -13.86 -3.51 -10.76
C ALA B 109 -14.98 -3.71 -9.76
N TYR B 110 -15.94 -2.79 -9.77
CA TYR B 110 -17.10 -2.84 -8.91
C TYR B 110 -18.35 -2.90 -9.76
N ALA B 111 -19.21 -3.88 -9.50
CA ALA B 111 -20.44 -4.03 -10.26
C ALA B 111 -21.37 -2.85 -10.01
N PRO B 112 -22.18 -2.47 -11.01
CA PRO B 112 -23.12 -1.36 -10.79
C PRO B 112 -24.20 -1.69 -9.76
N SER B 113 -24.52 -2.96 -9.56
CA SER B 113 -25.48 -3.36 -8.55
C SER B 113 -24.89 -3.34 -7.14
N GLY B 114 -23.57 -3.20 -7.01
CA GLY B 114 -22.94 -3.19 -5.70
C GLY B 114 -22.94 -4.53 -5.00
N ASN B 115 -22.99 -5.63 -5.76
CA ASN B 115 -23.05 -6.97 -5.18
C ASN B 115 -21.85 -7.84 -5.52
N TYR B 116 -21.14 -7.56 -6.61
CA TYR B 116 -20.02 -8.39 -7.05
C TYR B 116 -18.78 -7.54 -7.29
N VAL B 117 -17.63 -8.13 -7.07
CA VAL B 117 -16.34 -7.48 -7.30
C VAL B 117 -15.42 -8.46 -8.01
N ALA B 118 -14.86 -8.04 -9.14
CA ALA B 118 -14.00 -8.88 -9.95
C ALA B 118 -12.53 -8.49 -9.77
N CYS B 119 -11.66 -9.49 -9.88
CA CYS B 119 -10.22 -9.26 -9.79
C CYS B 119 -9.51 -10.28 -10.65
N GLY B 120 -8.25 -9.98 -10.97
CA GLY B 120 -7.45 -10.86 -11.80
C GLY B 120 -6.07 -10.30 -11.98
N GLY B 121 -5.21 -11.09 -12.64
CA GLY B 121 -3.84 -10.69 -12.88
C GLY B 121 -3.01 -11.76 -13.55
N LEU B 122 -1.81 -11.99 -13.03
CA LEU B 122 -0.89 -12.97 -13.62
C LEU B 122 -1.37 -14.40 -13.45
N ASP B 123 -2.43 -14.64 -12.68
CA ASP B 123 -2.95 -15.98 -12.48
C ASP B 123 -3.72 -16.52 -13.68
N ASN B 124 -3.95 -15.69 -14.69
CA ASN B 124 -4.69 -16.07 -15.91
C ASN B 124 -6.11 -16.56 -15.60
N ILE B 125 -6.66 -16.13 -14.46
CA ILE B 125 -8.01 -16.52 -14.06
C ILE B 125 -8.66 -15.33 -13.37
N CYS B 126 -9.96 -15.15 -13.60
CA CYS B 126 -10.70 -14.03 -13.02
C CYS B 126 -11.53 -14.53 -11.84
N SER B 127 -11.39 -13.87 -10.70
CA SER B 127 -12.12 -14.24 -9.49
C SER B 127 -13.17 -13.17 -9.20
N ILE B 128 -14.43 -13.57 -9.14
CA ILE B 128 -15.55 -12.68 -8.84
C ILE B 128 -16.11 -13.09 -7.48
N TYR B 129 -16.08 -12.15 -6.54
CA TYR B 129 -16.57 -12.38 -5.18
C TYR B 129 -17.88 -11.63 -4.97
N ASN B 130 -18.73 -12.20 -4.11
CA ASN B 130 -20.02 -11.64 -3.79
C ASN B 130 -19.95 -10.91 -2.46
N LEU B 131 -20.50 -9.69 -2.40
CA LEU B 131 -20.50 -8.90 -1.18
C LEU B 131 -21.83 -8.95 -0.43
N LYS B 132 -22.90 -9.42 -1.07
CA LYS B 132 -24.23 -9.50 -0.45
C LYS B 132 -24.57 -10.92 -0.04
N THR B 133 -23.59 -11.69 0.41
CA THR B 133 -23.85 -13.07 0.82
C THR B 133 -24.62 -13.09 2.13
N ARG B 134 -25.45 -14.13 2.29
CA ARG B 134 -26.23 -14.26 3.52
C ARG B 134 -25.34 -14.65 4.70
N GLU B 135 -24.24 -15.35 4.44
CA GLU B 135 -23.37 -15.81 5.52
C GLU B 135 -22.55 -14.69 6.14
N GLY B 136 -22.39 -13.57 5.43
CA GLY B 136 -21.67 -12.43 5.94
C GLY B 136 -20.21 -12.37 5.55
N ASN B 137 -19.55 -13.51 5.37
CA ASN B 137 -18.15 -13.55 5.00
C ASN B 137 -18.02 -13.70 3.48
N VAL B 138 -17.08 -12.94 2.91
CA VAL B 138 -16.88 -12.97 1.47
C VAL B 138 -16.25 -14.30 1.07
N ARG B 139 -16.83 -14.94 0.05
CA ARG B 139 -16.35 -16.22 -0.43
C ARG B 139 -16.20 -16.16 -1.95
N VAL B 140 -15.53 -17.17 -2.50
CA VAL B 140 -15.34 -17.24 -3.95
C VAL B 140 -16.66 -17.61 -4.61
N SER B 141 -17.14 -16.72 -5.48
CA SER B 141 -18.41 -16.93 -6.16
C SER B 141 -18.24 -17.44 -7.59
N ARG B 142 -17.35 -16.82 -8.36
CA ARG B 142 -17.14 -17.22 -9.75
C ARG B 142 -15.64 -17.26 -10.04
N GLU B 143 -15.22 -18.27 -10.82
CA GLU B 143 -13.82 -18.47 -11.19
C GLU B 143 -13.78 -18.70 -12.70
N LEU B 144 -13.59 -17.63 -13.45
CA LEU B 144 -13.56 -17.71 -14.91
C LEU B 144 -12.15 -18.00 -15.39
N ALA B 145 -11.97 -19.17 -15.99
CA ALA B 145 -10.67 -19.61 -16.47
C ALA B 145 -10.77 -20.00 -17.94
N GLY B 146 -9.64 -19.93 -18.64
CA GLY B 146 -9.59 -20.28 -20.04
C GLY B 146 -8.68 -19.37 -20.84
N HIS B 147 -8.26 -18.25 -20.24
CA HIS B 147 -7.40 -17.30 -20.91
C HIS B 147 -5.94 -17.73 -20.82
N THR B 148 -5.25 -17.75 -21.96
CA THR B 148 -3.84 -18.10 -22.01
C THR B 148 -2.95 -16.86 -21.88
N GLY B 149 -3.16 -16.09 -20.82
CA GLY B 149 -2.38 -14.89 -20.60
C GLY B 149 -2.88 -14.16 -19.38
N TYR B 150 -2.09 -13.18 -18.94
CA TYR B 150 -2.42 -12.40 -17.75
C TYR B 150 -3.53 -11.41 -18.07
N LEU B 151 -4.42 -11.20 -17.09
CA LEU B 151 -5.50 -10.25 -17.25
C LEU B 151 -4.98 -8.83 -17.10
N SER B 152 -5.49 -7.92 -17.93
CA SER B 152 -5.08 -6.53 -17.94
C SER B 152 -6.09 -5.60 -17.30
N CYS B 153 -7.35 -5.65 -17.74
CA CYS B 153 -8.38 -4.80 -17.19
C CYS B 153 -9.74 -5.47 -17.35
N CYS B 154 -10.62 -5.23 -16.39
CA CYS B 154 -11.97 -5.77 -16.41
C CYS B 154 -12.94 -4.70 -15.94
N ARG B 155 -14.13 -4.68 -16.55
CA ARG B 155 -15.16 -3.71 -16.23
C ARG B 155 -16.52 -4.37 -16.24
N PHE B 156 -17.38 -3.97 -15.31
CA PHE B 156 -18.71 -4.54 -15.22
C PHE B 156 -19.68 -3.77 -16.11
N LEU B 157 -20.39 -4.50 -16.97
CA LEU B 157 -21.41 -3.92 -17.83
C LEU B 157 -22.81 -4.07 -17.23
N ASP B 158 -23.20 -5.31 -16.93
CA ASP B 158 -24.49 -5.62 -16.33
C ASP B 158 -24.26 -6.58 -15.16
N ASP B 159 -25.34 -6.97 -14.49
CA ASP B 159 -25.28 -7.90 -13.38
C ASP B 159 -25.22 -9.35 -13.83
N ASN B 160 -25.10 -9.60 -15.13
CA ASN B 160 -25.02 -10.97 -15.65
C ASN B 160 -23.86 -11.21 -16.59
N GLN B 161 -23.31 -10.19 -17.25
CA GLN B 161 -22.19 -10.35 -18.16
C GLN B 161 -21.07 -9.39 -17.77
N ILE B 162 -19.85 -9.76 -18.14
CA ILE B 162 -18.67 -8.95 -17.82
C ILE B 162 -17.60 -9.22 -18.87
N VAL B 163 -17.02 -8.15 -19.40
CA VAL B 163 -15.96 -8.28 -20.41
C VAL B 163 -14.61 -8.28 -19.70
N THR B 164 -13.66 -9.00 -20.27
CA THR B 164 -12.31 -9.08 -19.73
C THR B 164 -11.31 -9.12 -20.86
N SER B 165 -10.09 -8.67 -20.56
CA SER B 165 -9.02 -8.53 -21.54
C SER B 165 -7.77 -9.22 -21.00
N SER B 166 -7.12 -10.02 -21.84
CA SER B 166 -5.93 -10.77 -21.47
C SER B 166 -4.80 -10.49 -22.44
N GLY B 167 -3.60 -10.92 -22.06
CA GLY B 167 -2.42 -10.74 -22.89
C GLY B 167 -2.33 -11.66 -24.09
N ASP B 168 -3.31 -12.53 -24.29
CA ASP B 168 -3.33 -13.45 -25.42
C ASP B 168 -3.95 -12.83 -26.67
N THR B 169 -4.03 -11.51 -26.75
CA THR B 169 -4.58 -10.78 -27.88
C THR B 169 -6.06 -11.08 -28.12
N THR B 170 -6.75 -11.62 -27.12
CA THR B 170 -8.16 -11.93 -27.21
C THR B 170 -8.91 -11.33 -26.03
N CYS B 171 -10.08 -10.76 -26.31
CA CYS B 171 -10.98 -10.27 -25.27
C CYS B 171 -12.21 -11.17 -25.21
N ALA B 172 -12.75 -11.35 -24.01
CA ALA B 172 -13.84 -12.31 -23.84
C ALA B 172 -14.94 -11.71 -22.97
N LEU B 173 -16.19 -11.86 -23.41
CA LEU B 173 -17.36 -11.40 -22.66
C LEU B 173 -17.98 -12.62 -21.97
N TRP B 174 -17.64 -12.82 -20.71
CA TRP B 174 -18.12 -13.96 -19.95
C TRP B 174 -19.49 -13.66 -19.33
N ASP B 175 -20.22 -14.73 -19.03
CA ASP B 175 -21.52 -14.67 -18.38
C ASP B 175 -21.35 -15.16 -16.95
N ILE B 176 -21.85 -14.37 -15.99
CA ILE B 176 -21.69 -14.73 -14.58
C ILE B 176 -22.51 -15.97 -14.24
N GLU B 177 -23.59 -16.23 -14.99
CA GLU B 177 -24.45 -17.37 -14.70
C GLU B 177 -23.77 -18.68 -15.05
N THR B 178 -23.35 -18.83 -16.30
CA THR B 178 -22.78 -20.08 -16.78
C THR B 178 -21.25 -20.13 -16.73
N GLY B 179 -20.59 -18.99 -16.90
CA GLY B 179 -19.14 -18.97 -16.89
C GLY B 179 -18.49 -19.42 -18.18
N GLN B 180 -19.06 -19.05 -19.32
CA GLN B 180 -18.54 -19.43 -20.62
C GLN B 180 -18.38 -18.18 -21.49
N GLN B 181 -17.53 -18.29 -22.50
CA GLN B 181 -17.26 -17.18 -23.41
C GLN B 181 -18.47 -16.97 -24.31
N THR B 182 -19.16 -15.83 -24.15
CA THR B 182 -20.30 -15.51 -24.98
C THR B 182 -19.91 -14.78 -26.24
N THR B 183 -18.88 -13.93 -26.18
CA THR B 183 -18.42 -13.20 -27.35
C THR B 183 -16.90 -13.03 -27.26
N THR B 184 -16.21 -13.36 -28.34
CA THR B 184 -14.76 -13.29 -28.41
C THR B 184 -14.33 -12.21 -29.40
N PHE B 185 -13.29 -11.47 -29.03
CA PHE B 185 -12.73 -10.41 -29.87
C PHE B 185 -11.27 -10.74 -30.15
N THR B 186 -10.96 -10.99 -31.41
CA THR B 186 -9.62 -11.37 -31.86
C THR B 186 -9.19 -10.50 -33.03
N GLY B 187 -9.42 -9.20 -32.92
CA GLY B 187 -9.09 -8.28 -34.00
C GLY B 187 -7.76 -7.57 -33.81
N HIS B 188 -7.29 -7.51 -32.57
CA HIS B 188 -6.02 -6.84 -32.29
C HIS B 188 -4.85 -7.73 -32.71
N THR B 189 -3.66 -7.13 -32.71
CA THR B 189 -2.43 -7.84 -33.04
C THR B 189 -1.38 -7.72 -31.94
N GLY B 190 -1.73 -7.12 -30.80
CA GLY B 190 -0.81 -6.98 -29.70
C GLY B 190 -1.55 -7.17 -28.38
N ASP B 191 -0.78 -7.18 -27.30
CA ASP B 191 -1.34 -7.37 -25.97
C ASP B 191 -2.25 -6.20 -25.61
N VAL B 192 -3.55 -6.47 -25.46
CA VAL B 192 -4.50 -5.44 -25.11
C VAL B 192 -4.22 -4.97 -23.69
N MET B 193 -4.20 -3.65 -23.49
CA MET B 193 -3.78 -3.07 -22.22
C MET B 193 -4.95 -2.58 -21.37
N SER B 194 -5.80 -1.73 -21.93
CA SER B 194 -6.86 -1.11 -21.14
C SER B 194 -8.17 -1.12 -21.90
N LEU B 195 -9.26 -1.03 -21.14
CA LEU B 195 -10.60 -0.98 -21.69
C LEU B 195 -11.33 0.24 -21.16
N SER B 196 -12.41 0.62 -21.86
CA SER B 196 -13.23 1.74 -21.42
C SER B 196 -14.63 1.56 -22.01
N LEU B 197 -15.63 1.45 -21.15
CA LEU B 197 -16.99 1.24 -21.59
C LEU B 197 -17.65 2.57 -21.95
N ALA B 198 -18.78 2.48 -22.66
CA ALA B 198 -19.59 3.62 -23.04
C ALA B 198 -20.67 3.88 -21.99
N PRO B 199 -21.12 5.13 -21.86
CA PRO B 199 -22.20 5.41 -20.89
C PRO B 199 -23.52 4.74 -21.24
N ASP B 200 -23.72 4.36 -22.50
CA ASP B 200 -24.93 3.67 -22.93
C ASP B 200 -24.84 2.15 -22.76
N THR B 201 -23.67 1.64 -22.36
CA THR B 201 -23.46 0.20 -22.11
C THR B 201 -23.79 -0.64 -23.34
N ARG B 202 -23.37 -0.17 -24.52
CA ARG B 202 -23.52 -0.91 -25.76
C ARG B 202 -22.22 -1.07 -26.53
N LEU B 203 -21.27 -0.15 -26.36
CA LEU B 203 -19.98 -0.21 -27.04
C LEU B 203 -18.87 -0.09 -26.00
N PHE B 204 -17.67 -0.48 -26.40
CA PHE B 204 -16.52 -0.34 -25.52
C PHE B 204 -15.25 -0.24 -26.37
N VAL B 205 -14.37 0.68 -25.98
CA VAL B 205 -13.14 0.94 -26.73
C VAL B 205 -11.95 0.41 -25.92
N SER B 206 -11.06 -0.29 -26.61
CA SER B 206 -9.91 -0.93 -25.97
C SER B 206 -8.62 -0.43 -26.59
N GLY B 207 -7.65 -0.12 -25.74
CA GLY B 207 -6.32 0.26 -26.16
C GLY B 207 -5.34 -0.88 -25.91
N ALA B 208 -4.57 -1.20 -26.94
CA ALA B 208 -3.70 -2.37 -26.93
C ALA B 208 -2.23 -1.99 -27.10
N CYS B 209 -1.37 -3.01 -27.21
CA CYS B 209 0.06 -2.78 -27.39
C CYS B 209 0.43 -2.42 -28.82
N ASP B 210 -0.50 -2.51 -29.76
CA ASP B 210 -0.25 -2.20 -31.16
C ASP B 210 -0.34 -0.71 -31.48
N ALA B 211 -0.29 0.15 -30.46
CA ALA B 211 -0.34 1.60 -30.64
C ALA B 211 -1.59 2.04 -31.39
N SER B 212 -2.71 1.37 -31.11
CA SER B 212 -3.96 1.69 -31.77
C SER B 212 -5.11 1.24 -30.87
N ALA B 213 -6.19 2.03 -30.85
CA ALA B 213 -7.37 1.75 -30.07
C ALA B 213 -8.50 1.32 -30.99
N LYS B 214 -9.29 0.34 -30.56
CA LYS B 214 -10.36 -0.23 -31.36
C LYS B 214 -11.65 -0.26 -30.58
N LEU B 215 -12.75 0.13 -31.23
CA LEU B 215 -14.07 0.15 -30.63
C LEU B 215 -14.83 -1.10 -31.05
N TRP B 216 -15.42 -1.80 -30.08
CA TRP B 216 -16.16 -3.02 -30.32
C TRP B 216 -17.57 -2.90 -29.74
N ASP B 217 -18.47 -3.72 -30.26
CA ASP B 217 -19.86 -3.76 -29.86
C ASP B 217 -20.12 -4.99 -29.00
N VAL B 218 -21.16 -4.92 -28.18
CA VAL B 218 -21.49 -6.04 -27.30
C VAL B 218 -22.25 -7.12 -28.07
N ARG B 219 -23.09 -6.73 -29.03
CA ARG B 219 -23.88 -7.68 -29.79
C ARG B 219 -23.21 -8.07 -31.10
N GLU B 220 -22.75 -7.08 -31.87
CA GLU B 220 -22.11 -7.36 -33.16
C GLU B 220 -20.76 -8.05 -32.96
N GLY B 221 -19.93 -7.51 -32.06
CA GLY B 221 -18.63 -8.09 -31.82
C GLY B 221 -17.63 -7.88 -32.92
N MET B 222 -17.69 -6.74 -33.61
CA MET B 222 -16.77 -6.43 -34.69
C MET B 222 -16.28 -5.00 -34.54
N CYS B 223 -14.99 -4.79 -34.80
CA CYS B 223 -14.41 -3.47 -34.69
C CYS B 223 -14.83 -2.60 -35.87
N ARG B 224 -15.45 -1.46 -35.56
CA ARG B 224 -15.97 -0.57 -36.60
C ARG B 224 -15.00 0.52 -37.00
N GLN B 225 -14.15 0.99 -36.08
CA GLN B 225 -13.20 2.06 -36.37
C GLN B 225 -11.85 1.72 -35.77
N THR B 226 -10.79 2.12 -36.47
CA THR B 226 -9.42 1.90 -36.04
C THR B 226 -8.67 3.22 -36.04
N PHE B 227 -8.18 3.62 -34.87
CA PHE B 227 -7.47 4.88 -34.72
C PHE B 227 -5.98 4.62 -34.59
N THR B 228 -5.19 5.40 -35.33
CA THR B 228 -3.74 5.28 -35.33
C THR B 228 -3.12 6.67 -35.14
N GLY B 229 -1.84 6.69 -34.80
CA GLY B 229 -1.14 7.94 -34.58
C GLY B 229 -0.14 7.90 -33.45
N HIS B 230 -0.29 6.92 -32.55
CA HIS B 230 0.63 6.78 -31.42
C HIS B 230 1.94 6.14 -31.87
N GLU B 231 3.03 6.60 -31.25
CA GLU B 231 4.37 6.10 -31.56
C GLU B 231 4.91 5.20 -30.46
N SER B 232 4.12 4.86 -29.46
CA SER B 232 4.59 4.05 -28.35
C SER B 232 3.46 3.13 -27.89
N ASP B 233 3.71 2.43 -26.79
CA ASP B 233 2.76 1.46 -26.24
C ASP B 233 1.65 2.19 -25.49
N ILE B 234 0.42 2.07 -26.00
CA ILE B 234 -0.73 2.65 -25.33
C ILE B 234 -1.03 1.85 -24.07
N ASN B 235 -1.09 2.53 -22.93
CA ASN B 235 -1.32 1.85 -21.65
C ASN B 235 -2.61 2.22 -20.96
N ALA B 236 -3.17 3.40 -21.25
CA ALA B 236 -4.39 3.86 -20.59
C ALA B 236 -5.36 4.39 -21.63
N ILE B 237 -6.65 4.34 -21.28
CA ILE B 237 -7.71 4.81 -22.17
C ILE B 237 -8.96 5.07 -21.34
N CYS B 238 -9.70 6.11 -21.73
CA CYS B 238 -10.94 6.47 -21.05
C CYS B 238 -11.82 7.23 -22.02
N PHE B 239 -13.12 6.91 -22.01
CA PHE B 239 -14.06 7.51 -22.94
C PHE B 239 -14.65 8.79 -22.36
N PHE B 240 -15.11 9.66 -23.25
CA PHE B 240 -15.77 10.90 -22.84
C PHE B 240 -17.12 10.59 -22.21
N PRO B 241 -17.58 11.41 -21.28
CA PRO B 241 -18.88 11.15 -20.64
C PRO B 241 -20.05 11.10 -21.61
N ASN B 242 -19.97 11.82 -22.73
CA ASN B 242 -21.06 11.79 -23.71
C ASN B 242 -21.07 10.51 -24.52
N GLY B 243 -19.91 9.88 -24.70
CA GLY B 243 -19.81 8.64 -25.43
C GLY B 243 -19.40 8.75 -26.88
N ASN B 244 -18.77 9.86 -27.28
CA ASN B 244 -18.35 10.06 -28.66
C ASN B 244 -16.85 10.29 -28.82
N ALA B 245 -16.11 10.52 -27.73
CA ALA B 245 -14.68 10.75 -27.80
C ALA B 245 -14.00 9.95 -26.71
N PHE B 246 -12.69 9.79 -26.83
CA PHE B 246 -11.92 9.05 -25.84
C PHE B 246 -10.45 9.43 -25.94
N ALA B 247 -9.79 9.45 -24.79
CA ALA B 247 -8.38 9.79 -24.69
C ALA B 247 -7.53 8.52 -24.57
N THR B 248 -6.34 8.58 -25.14
CA THR B 248 -5.39 7.46 -25.13
C THR B 248 -4.01 7.98 -24.74
N GLY B 249 -3.38 7.31 -23.79
CA GLY B 249 -2.06 7.69 -23.33
C GLY B 249 -1.07 6.56 -23.54
N SER B 250 0.16 6.92 -23.91
CA SER B 250 1.21 5.96 -24.19
C SER B 250 2.46 6.34 -23.40
N ASP B 251 3.53 5.58 -23.58
CA ASP B 251 4.80 5.84 -22.91
C ASP B 251 5.61 6.93 -23.59
N ASP B 252 5.11 7.51 -24.67
CA ASP B 252 5.80 8.59 -25.37
C ASP B 252 5.52 9.97 -24.78
N ALA B 253 4.84 10.03 -23.63
CA ALA B 253 4.50 11.27 -22.95
C ALA B 253 3.61 12.17 -23.78
N THR B 254 2.90 11.62 -24.76
CA THR B 254 1.97 12.38 -25.60
C THR B 254 0.61 11.69 -25.56
N CYS B 255 -0.38 12.38 -25.00
CA CYS B 255 -1.74 11.88 -24.97
C CYS B 255 -2.50 12.37 -26.19
N ARG B 256 -3.45 11.56 -26.66
CA ARG B 256 -4.24 11.90 -27.83
C ARG B 256 -5.72 11.78 -27.49
N LEU B 257 -6.54 12.53 -28.24
CA LEU B 257 -7.98 12.52 -28.07
C LEU B 257 -8.64 12.19 -29.41
N PHE B 258 -9.19 10.99 -29.51
CA PHE B 258 -9.85 10.54 -30.73
C PHE B 258 -11.36 10.66 -30.60
N ASP B 259 -12.02 10.73 -31.75
CA ASP B 259 -13.47 10.94 -31.83
C ASP B 259 -14.11 9.77 -32.55
N LEU B 260 -15.21 9.26 -31.99
CA LEU B 260 -15.93 8.17 -32.64
C LEU B 260 -16.66 8.63 -33.88
N ARG B 261 -17.07 9.90 -33.93
CA ARG B 261 -17.83 10.40 -35.08
C ARG B 261 -16.89 10.91 -36.17
N ALA B 262 -15.82 11.60 -35.80
CA ALA B 262 -14.87 12.13 -36.77
C ALA B 262 -13.92 11.07 -37.30
N ASP B 263 -13.70 10.00 -36.55
CA ASP B 263 -12.84 8.89 -36.97
C ASP B 263 -11.42 9.37 -37.27
N GLN B 264 -10.90 10.23 -36.39
CA GLN B 264 -9.55 10.77 -36.55
C GLN B 264 -9.15 11.45 -35.24
N GLU B 265 -7.87 11.78 -35.16
CA GLU B 265 -7.34 12.46 -33.98
C GLU B 265 -7.74 13.93 -33.98
N LEU B 266 -8.12 14.42 -32.80
CA LEU B 266 -8.58 15.79 -32.63
C LEU B 266 -7.62 16.68 -31.85
N MET B 267 -7.08 16.19 -30.74
CA MET B 267 -6.23 17.02 -29.89
C MET B 267 -5.09 16.18 -29.34
N THR B 268 -3.95 16.84 -29.14
CA THR B 268 -2.74 16.20 -28.62
C THR B 268 -2.23 16.99 -27.43
N TYR B 269 -1.95 16.30 -26.33
CA TYR B 269 -1.41 16.91 -25.12
C TYR B 269 0.01 16.42 -24.92
N SER B 270 0.96 17.35 -24.88
CA SER B 270 2.36 17.03 -24.71
C SER B 270 3.08 18.21 -24.09
N HIS B 271 4.28 17.95 -23.57
CA HIS B 271 5.09 18.98 -22.94
C HIS B 271 6.56 18.60 -23.05
N ASP B 272 7.39 19.60 -23.35
CA ASP B 272 8.83 19.35 -23.47
C ASP B 272 9.45 18.98 -22.13
N ASN B 273 8.81 19.31 -21.01
CA ASN B 273 9.32 18.95 -19.70
C ASN B 273 9.03 17.50 -19.34
N ILE B 274 7.88 16.98 -19.74
CA ILE B 274 7.48 15.61 -19.43
C ILE B 274 8.04 14.68 -20.50
N ILE B 275 8.72 13.62 -20.05
CA ILE B 275 9.27 12.64 -20.97
C ILE B 275 8.84 11.25 -20.49
N CYS B 276 8.31 11.19 -19.27
CA CYS B 276 7.87 9.92 -18.69
C CYS B 276 6.54 9.50 -19.29
N GLY B 277 6.30 8.19 -19.28
CA GLY B 277 5.09 7.66 -19.87
C GLY B 277 3.85 7.91 -19.02
N ILE B 278 2.70 7.72 -19.65
CA ILE B 278 1.41 7.88 -19.01
C ILE B 278 0.94 6.52 -18.51
N THR B 279 0.30 6.50 -17.34
CA THR B 279 -0.17 5.27 -16.73
C THR B 279 -1.68 5.15 -16.66
N SER B 280 -2.38 6.22 -16.25
CA SER B 280 -3.83 6.20 -16.15
C SER B 280 -4.38 7.55 -16.55
N VAL B 281 -5.47 7.53 -17.33
CA VAL B 281 -6.13 8.74 -17.80
C VAL B 281 -7.62 8.62 -17.49
N SER B 282 -8.22 9.73 -17.07
CA SER B 282 -9.64 9.76 -16.76
C SER B 282 -10.19 11.14 -17.06
N PHE B 283 -11.51 11.23 -17.13
CA PHE B 283 -12.21 12.48 -17.41
C PHE B 283 -13.05 12.89 -16.21
N SER B 284 -13.45 14.15 -16.21
CA SER B 284 -14.29 14.70 -15.14
C SER B 284 -15.76 14.41 -15.46
N LYS B 285 -16.65 15.04 -14.70
CA LYS B 285 -18.08 14.83 -14.91
C LYS B 285 -18.55 15.50 -16.20
N SER B 286 -17.99 16.67 -16.52
CA SER B 286 -18.38 17.40 -17.72
C SER B 286 -17.38 17.26 -18.86
N GLY B 287 -16.15 16.83 -18.58
CA GLY B 287 -15.15 16.68 -19.61
C GLY B 287 -14.39 17.92 -19.98
N ARG B 288 -14.46 18.97 -19.15
CA ARG B 288 -13.70 20.18 -19.44
C ARG B 288 -12.21 19.97 -19.21
N LEU B 289 -11.85 19.20 -18.19
CA LEU B 289 -10.46 18.95 -17.85
C LEU B 289 -10.12 17.47 -18.08
N LEU B 290 -8.84 17.22 -18.34
CA LEU B 290 -8.33 15.88 -18.61
C LEU B 290 -7.25 15.57 -17.59
N LEU B 291 -7.45 14.54 -16.79
CA LEU B 291 -6.49 14.09 -15.79
C LEU B 291 -5.60 13.02 -16.40
N ALA B 292 -4.31 13.06 -16.07
CA ALA B 292 -3.37 12.07 -16.59
C ALA B 292 -2.25 11.86 -15.58
N GLY B 293 -2.05 10.60 -15.19
CA GLY B 293 -0.96 10.25 -14.30
C GLY B 293 0.28 9.88 -15.08
N TYR B 294 1.41 10.47 -14.71
CA TYR B 294 2.69 10.25 -15.36
C TYR B 294 3.65 9.60 -14.38
N ASP B 295 4.80 9.15 -14.90
CA ASP B 295 5.79 8.45 -14.10
C ASP B 295 6.76 9.39 -13.39
N ASP B 296 6.51 10.70 -13.40
CA ASP B 296 7.35 11.67 -12.71
C ASP B 296 6.91 11.88 -11.27
N PHE B 297 6.20 10.91 -10.68
CA PHE B 297 5.65 10.96 -9.33
C PHE B 297 4.56 12.02 -9.19
N ASN B 298 4.08 12.59 -10.28
CA ASN B 298 3.06 13.62 -10.26
C ASN B 298 1.90 13.23 -11.18
N CYS B 299 0.82 13.99 -11.10
CA CYS B 299 -0.35 13.82 -11.96
C CYS B 299 -0.76 15.18 -12.50
N ASN B 300 -0.88 15.29 -13.82
CA ASN B 300 -1.15 16.56 -14.48
C ASN B 300 -2.59 16.60 -14.95
N VAL B 301 -3.27 17.71 -14.66
CA VAL B 301 -4.62 17.96 -15.14
C VAL B 301 -4.53 19.11 -16.14
N TRP B 302 -4.81 18.80 -17.40
CA TRP B 302 -4.79 19.76 -18.49
C TRP B 302 -6.22 20.14 -18.87
N ASP B 303 -6.33 21.11 -19.77
CA ASP B 303 -7.63 21.46 -20.33
C ASP B 303 -7.91 20.60 -21.54
N ALA B 304 -9.10 19.98 -21.58
CA ALA B 304 -9.44 19.07 -22.65
C ALA B 304 -9.58 19.76 -24.00
N LEU B 305 -9.71 21.09 -24.00
CA LEU B 305 -9.84 21.83 -25.25
C LEU B 305 -8.65 22.72 -25.56
N LYS B 306 -7.96 23.25 -24.55
CA LYS B 306 -6.84 24.15 -24.76
C LYS B 306 -5.48 23.51 -24.59
N ALA B 307 -5.40 22.32 -23.98
CA ALA B 307 -4.17 21.54 -23.83
C ALA B 307 -3.09 22.29 -23.04
N ASP B 308 -3.46 23.30 -22.27
CA ASP B 308 -2.52 24.01 -21.43
C ASP B 308 -2.51 23.39 -20.03
N ARG B 309 -1.35 23.44 -19.37
CA ARG B 309 -1.19 22.84 -18.05
C ARG B 309 -2.02 23.62 -17.04
N ALA B 310 -3.15 23.04 -16.61
CA ALA B 310 -4.02 23.69 -15.66
C ALA B 310 -3.59 23.44 -14.22
N GLY B 311 -3.15 22.24 -13.90
CA GLY B 311 -2.71 21.94 -12.54
C GLY B 311 -1.81 20.73 -12.48
N VAL B 312 -1.04 20.66 -11.40
CA VAL B 312 -0.14 19.55 -11.13
C VAL B 312 -0.38 19.07 -9.70
N LEU B 313 -0.21 17.76 -9.48
CA LEU B 313 -0.41 17.14 -8.18
C LEU B 313 0.84 16.33 -7.84
N ALA B 314 1.51 16.71 -6.75
CA ALA B 314 2.73 16.05 -6.30
C ALA B 314 2.55 15.48 -4.90
N GLY B 315 1.39 14.87 -4.64
CA GLY B 315 1.14 14.29 -3.34
C GLY B 315 1.84 12.96 -3.11
N HIS B 316 2.01 12.18 -4.17
CA HIS B 316 2.64 10.85 -4.08
C HIS B 316 4.12 10.96 -4.42
N ASP B 317 4.93 10.15 -3.75
CA ASP B 317 6.36 10.12 -3.99
C ASP B 317 6.79 9.02 -4.97
N ASN B 318 5.89 8.08 -5.27
CA ASN B 318 6.19 6.97 -6.15
C ASN B 318 5.43 7.13 -7.47
N ARG B 319 5.59 6.15 -8.35
CA ARG B 319 4.95 6.19 -9.66
C ARG B 319 3.44 6.13 -9.53
N VAL B 320 2.75 7.08 -10.15
CA VAL B 320 1.29 7.10 -10.15
C VAL B 320 0.81 5.91 -10.96
N SER B 321 0.20 4.93 -10.29
CA SER B 321 -0.20 3.69 -10.94
C SER B 321 -1.65 3.71 -11.39
N CYS B 322 -2.55 4.27 -10.58
CA CYS B 322 -3.97 4.22 -10.88
C CYS B 322 -4.63 5.55 -10.51
N LEU B 323 -5.62 5.95 -11.31
CA LEU B 323 -6.31 7.21 -11.12
C LEU B 323 -7.78 7.02 -11.48
N GLY B 324 -8.66 7.56 -10.64
CA GLY B 324 -10.09 7.40 -10.85
C GLY B 324 -10.84 8.66 -10.46
N VAL B 325 -11.96 8.86 -11.14
CA VAL B 325 -12.85 10.01 -10.91
C VAL B 325 -14.23 9.49 -10.55
N THR B 326 -14.86 10.12 -9.58
CA THR B 326 -16.19 9.71 -9.13
C THR B 326 -17.22 9.95 -10.22
N ASP B 327 -18.40 9.36 -10.04
CA ASP B 327 -19.48 9.52 -11.01
C ASP B 327 -20.00 10.95 -11.03
N ASP B 328 -19.98 11.64 -9.89
CA ASP B 328 -20.43 13.02 -9.81
C ASP B 328 -19.27 14.01 -9.84
N GLY B 329 -18.03 13.54 -9.92
CA GLY B 329 -16.89 14.44 -9.94
C GLY B 329 -16.61 15.14 -8.63
N MET B 330 -17.10 14.60 -7.52
CA MET B 330 -16.91 15.27 -6.23
C MET B 330 -15.51 15.04 -5.67
N ALA B 331 -14.89 13.91 -5.98
CA ALA B 331 -13.56 13.61 -5.45
C ALA B 331 -12.80 12.76 -6.46
N VAL B 332 -11.47 12.84 -6.40
CA VAL B 332 -10.59 12.09 -7.27
C VAL B 332 -9.71 11.18 -6.41
N ALA B 333 -9.49 9.96 -6.88
CA ALA B 333 -8.69 8.96 -6.17
C ALA B 333 -7.41 8.70 -6.93
N THR B 334 -6.28 8.73 -6.23
CA THR B 334 -4.97 8.52 -6.85
C THR B 334 -4.20 7.49 -6.03
N GLY B 335 -3.82 6.39 -6.68
CA GLY B 335 -3.05 5.36 -6.00
C GLY B 335 -1.72 5.09 -6.66
N SER B 336 -0.65 5.11 -5.87
CA SER B 336 0.70 4.90 -6.35
C SER B 336 1.29 3.64 -5.70
N TRP B 337 2.55 3.39 -6.01
CA TRP B 337 3.24 2.21 -5.49
C TRP B 337 3.68 2.38 -4.04
N ASP B 338 3.46 3.54 -3.43
CA ASP B 338 3.84 3.78 -2.05
C ASP B 338 2.80 3.28 -1.05
N SER B 339 1.89 2.41 -1.48
CA SER B 339 0.84 1.83 -0.63
C SER B 339 -0.08 2.91 -0.04
N PHE B 340 -0.17 4.07 -0.69
CA PHE B 340 -1.01 5.17 -0.24
C PHE B 340 -2.03 5.49 -1.33
N LEU B 341 -3.30 5.55 -0.93
CA LEU B 341 -4.40 5.89 -1.84
C LEU B 341 -4.98 7.22 -1.39
N LYS B 342 -4.59 8.30 -2.08
CA LYS B 342 -4.97 9.64 -1.66
C LYS B 342 -6.26 10.08 -2.37
N ILE B 343 -6.99 10.97 -1.70
CA ILE B 343 -8.23 11.54 -2.20
C ILE B 343 -8.07 13.04 -2.30
N TRP B 344 -8.42 13.60 -3.46
CA TRP B 344 -8.31 15.03 -3.72
C TRP B 344 -9.71 15.59 -3.99
N ASN B 345 -10.03 16.69 -3.32
CA ASN B 345 -11.33 17.35 -3.45
C ASN B 345 -12.48 16.40 -3.17
N VAL C 1 -27.74 -20.33 7.79
CA VAL C 1 -27.45 -19.96 9.16
C VAL C 1 -28.38 -20.71 10.11
N GLN C 2 -27.97 -20.82 11.38
CA GLN C 2 -28.75 -21.52 12.39
C GLN C 2 -28.25 -21.13 13.76
N LEU C 3 -29.18 -20.85 14.66
CA LEU C 3 -28.87 -20.50 16.05
C LEU C 3 -29.67 -21.42 16.97
N VAL C 4 -28.95 -22.15 17.83
CA VAL C 4 -29.57 -23.08 18.77
C VAL C 4 -29.28 -22.60 20.18
N GLU C 5 -30.32 -22.25 20.92
CA GLU C 5 -30.17 -21.77 22.29
C GLU C 5 -30.66 -22.83 23.27
N SER C 6 -30.02 -22.86 24.44
CA SER C 6 -30.36 -23.83 25.47
C SER C 6 -30.02 -23.25 26.84
N GLY C 7 -30.60 -23.86 27.87
CA GLY C 7 -30.37 -23.45 29.24
C GLY C 7 -31.63 -23.08 30.01
N GLY C 8 -32.82 -23.22 29.46
CA GLY C 8 -34.03 -22.84 30.17
C GLY C 8 -34.48 -23.91 31.14
N GLY C 9 -35.28 -23.47 32.12
CA GLY C 9 -35.80 -24.38 33.11
C GLY C 9 -36.44 -23.62 34.26
N LEU C 10 -36.83 -24.37 35.28
CA LEU C 10 -37.45 -23.81 36.47
C LEU C 10 -36.34 -23.40 37.44
N VAL C 11 -36.15 -22.09 37.60
CA VAL C 11 -35.10 -21.53 38.44
C VAL C 11 -35.74 -20.67 39.52
N GLN C 12 -35.36 -20.91 40.77
CA GLN C 12 -35.85 -20.10 41.87
C GLN C 12 -35.13 -18.74 41.89
N PRO C 13 -35.79 -17.70 42.40
CA PRO C 13 -35.13 -16.39 42.45
C PRO C 13 -33.89 -16.42 43.33
N GLY C 14 -32.84 -15.73 42.86
CA GLY C 14 -31.58 -15.69 43.57
C GLY C 14 -30.54 -16.68 43.11
N GLY C 15 -30.86 -17.53 42.15
CA GLY C 15 -29.93 -18.53 41.66
C GLY C 15 -29.05 -18.00 40.54
N SER C 16 -28.41 -18.95 39.85
CA SER C 16 -27.52 -18.63 38.74
C SER C 16 -27.80 -19.59 37.59
N ARG C 17 -27.71 -19.07 36.37
CA ARG C 17 -28.00 -19.88 35.19
C ARG C 17 -27.12 -19.43 34.03
N LYS C 18 -26.59 -20.40 33.30
CA LYS C 18 -25.73 -20.17 32.14
C LYS C 18 -26.49 -20.56 30.88
N LEU C 19 -26.98 -19.56 30.15
CA LEU C 19 -27.64 -19.82 28.88
C LEU C 19 -26.59 -19.91 27.77
N SER C 20 -26.70 -20.94 26.94
CA SER C 20 -25.76 -21.17 25.85
C SER C 20 -26.44 -20.95 24.51
N CYS C 21 -25.67 -20.46 23.54
CA CYS C 21 -26.15 -20.22 22.19
C CYS C 21 -25.07 -20.63 21.20
N SER C 22 -25.38 -21.63 20.38
CA SER C 22 -24.45 -22.14 19.37
C SER C 22 -24.90 -21.67 18.00
N ALA C 23 -23.95 -21.11 17.24
CA ALA C 23 -24.20 -20.65 15.89
C ALA C 23 -23.56 -21.60 14.89
N SER C 24 -24.22 -21.78 13.75
CA SER C 24 -23.71 -22.69 12.73
C SER C 24 -24.13 -22.19 11.35
N GLY C 25 -23.15 -22.00 10.48
CA GLY C 25 -23.40 -21.61 9.10
C GLY C 25 -22.90 -20.23 8.72
N PHE C 26 -22.33 -19.47 9.63
CA PHE C 26 -21.87 -18.13 9.31
C PHE C 26 -20.69 -17.78 10.22
N ALA C 27 -20.05 -16.65 9.90
CA ALA C 27 -18.89 -16.18 10.66
C ALA C 27 -19.37 -15.52 11.94
N PHE C 28 -19.36 -16.27 13.04
CA PHE C 28 -19.77 -15.73 14.33
C PHE C 28 -18.81 -14.68 14.87
N SER C 29 -17.54 -14.75 14.49
CA SER C 29 -16.55 -13.81 15.02
C SER C 29 -16.73 -12.40 14.48
N SER C 30 -17.26 -12.28 13.25
CA SER C 30 -17.42 -10.97 12.63
C SER C 30 -18.77 -10.35 12.92
N PHE C 31 -19.72 -11.10 13.48
CA PHE C 31 -21.06 -10.61 13.75
C PHE C 31 -21.23 -10.30 15.23
N GLY C 32 -21.67 -9.08 15.54
CA GLY C 32 -21.98 -8.74 16.91
C GLY C 32 -23.30 -9.35 17.36
N MET C 33 -23.39 -9.61 18.67
CA MET C 33 -24.54 -10.32 19.22
C MET C 33 -25.32 -9.41 20.17
N HIS C 34 -26.63 -9.61 20.17
CA HIS C 34 -27.53 -8.87 21.05
C HIS C 34 -28.52 -9.84 21.69
N TRP C 35 -28.92 -9.52 22.92
CA TRP C 35 -29.92 -10.30 23.65
C TRP C 35 -31.16 -9.44 23.84
N VAL C 36 -32.33 -10.01 23.55
CA VAL C 36 -33.60 -9.30 23.68
C VAL C 36 -34.57 -10.18 24.45
N ARG C 37 -35.13 -9.64 25.53
CA ARG C 37 -36.10 -10.37 26.35
C ARG C 37 -37.51 -9.92 26.00
N GLN C 38 -38.46 -10.86 26.12
CA GLN C 38 -39.86 -10.59 25.85
C GLN C 38 -40.70 -11.26 26.92
N ALA C 39 -41.50 -10.47 27.63
CA ALA C 39 -42.39 -11.02 28.64
C ALA C 39 -43.68 -11.55 28.00
N PRO C 40 -44.34 -12.51 28.64
CA PRO C 40 -45.60 -13.02 28.09
C PRO C 40 -46.64 -11.92 27.97
N GLU C 41 -47.10 -11.68 26.75
CA GLU C 41 -48.06 -10.62 26.43
C GLU C 41 -47.52 -9.25 26.85
N LYS C 42 -46.36 -8.90 26.30
CA LYS C 42 -45.71 -7.63 26.57
C LYS C 42 -44.83 -7.29 25.38
N GLY C 43 -44.06 -6.20 25.52
CA GLY C 43 -43.17 -5.75 24.47
C GLY C 43 -41.79 -6.36 24.59
N LEU C 44 -40.87 -5.82 23.78
CA LEU C 44 -39.48 -6.27 23.75
C LEU C 44 -38.62 -5.35 24.60
N GLU C 45 -37.48 -5.88 25.03
CA GLU C 45 -36.53 -5.12 25.85
C GLU C 45 -35.12 -5.62 25.58
N TRP C 46 -34.21 -4.68 25.33
CA TRP C 46 -32.82 -5.04 25.07
C TRP C 46 -32.11 -5.43 26.36
N VAL C 47 -31.39 -6.54 26.33
CA VAL C 47 -30.74 -7.06 27.52
C VAL C 47 -29.26 -6.67 27.53
N ALA C 48 -28.51 -7.11 26.52
CA ALA C 48 -27.09 -6.84 26.47
C ALA C 48 -26.62 -6.92 25.02
N TYR C 49 -25.41 -6.40 24.78
CA TYR C 49 -24.82 -6.39 23.45
C TYR C 49 -23.31 -6.60 23.56
N ILE C 50 -22.77 -7.44 22.67
CA ILE C 50 -21.35 -7.71 22.61
C ILE C 50 -20.90 -7.56 21.15
N SER C 51 -19.70 -7.03 20.97
CA SER C 51 -19.15 -6.78 19.64
C SER C 51 -18.14 -7.88 19.28
N SER C 52 -17.46 -7.69 18.16
CA SER C 52 -16.46 -8.66 17.71
C SER C 52 -15.20 -8.54 18.55
N GLY C 53 -14.70 -9.68 19.02
CA GLY C 53 -13.50 -9.71 19.83
C GLY C 53 -13.69 -9.26 21.26
N SER C 54 -14.92 -9.10 21.72
CA SER C 54 -15.22 -8.67 23.09
C SER C 54 -14.58 -7.33 23.41
N GLY C 55 -14.50 -6.44 22.43
CA GLY C 55 -13.91 -5.13 22.62
C GLY C 55 -14.92 -4.10 23.08
N THR C 56 -16.20 -4.32 22.77
CA THR C 56 -17.28 -3.42 23.16
C THR C 56 -18.41 -4.27 23.73
N ILE C 57 -18.60 -4.21 25.04
CA ILE C 57 -19.63 -4.96 25.74
C ILE C 57 -20.46 -4.00 26.56
N TYR C 58 -21.78 -4.10 26.45
CA TYR C 58 -22.69 -3.16 27.11
C TYR C 58 -23.94 -3.88 27.59
N TYR C 59 -24.54 -3.34 28.65
CA TYR C 59 -25.73 -3.90 29.26
C TYR C 59 -26.79 -2.82 29.39
N ALA C 60 -28.01 -3.25 29.72
CA ALA C 60 -29.10 -2.33 29.94
C ALA C 60 -29.01 -1.74 31.36
N ASP C 61 -29.81 -0.70 31.59
CA ASP C 61 -29.80 -0.01 32.88
C ASP C 61 -30.37 -0.86 34.01
N THR C 62 -31.29 -1.78 33.71
CA THR C 62 -31.90 -2.61 34.72
C THR C 62 -31.13 -3.90 35.02
N VAL C 63 -30.15 -4.25 34.18
CA VAL C 63 -29.37 -5.47 34.37
C VAL C 63 -27.88 -5.17 34.47
N LYS C 64 -27.51 -3.92 34.71
CA LYS C 64 -26.10 -3.54 34.79
C LYS C 64 -25.48 -4.06 36.07
N GLY C 65 -24.45 -4.87 35.96
CA GLY C 65 -23.74 -5.36 37.12
C GLY C 65 -24.04 -6.80 37.48
N ARG C 66 -25.30 -7.20 37.36
CA ARG C 66 -25.69 -8.55 37.76
C ARG C 66 -25.39 -9.57 36.66
N PHE C 67 -25.98 -9.39 35.47
CA PHE C 67 -25.82 -10.34 34.39
C PHE C 67 -24.58 -10.00 33.57
N THR C 68 -23.95 -11.04 33.02
CA THR C 68 -22.79 -10.86 32.15
C THR C 68 -22.91 -11.77 30.94
N ILE C 69 -22.13 -11.46 29.92
CA ILE C 69 -22.14 -12.20 28.66
C ILE C 69 -20.71 -12.35 28.16
N SER C 70 -20.42 -13.52 27.58
CA SER C 70 -19.10 -13.79 27.00
C SER C 70 -19.27 -14.57 25.72
N ARG C 71 -18.21 -14.63 24.93
CA ARG C 71 -18.23 -15.33 23.65
C ARG C 71 -16.96 -16.16 23.51
N ASP C 72 -17.07 -17.25 22.74
CA ASP C 72 -15.95 -18.14 22.45
C ASP C 72 -15.86 -18.27 20.94
N ASP C 73 -14.81 -17.70 20.35
CA ASP C 73 -14.61 -17.69 18.91
C ASP C 73 -14.09 -19.03 18.39
N PRO C 74 -13.10 -19.67 19.03
CA PRO C 74 -12.70 -21.00 18.55
C PRO C 74 -13.82 -22.02 18.59
N LYS C 75 -14.65 -22.01 19.64
CA LYS C 75 -15.76 -22.94 19.75
C LYS C 75 -17.04 -22.43 19.11
N ASN C 76 -17.10 -21.14 18.77
CA ASN C 76 -18.29 -20.54 18.15
C ASN C 76 -19.50 -20.70 19.06
N THR C 77 -19.42 -20.06 20.23
CA THR C 77 -20.49 -20.15 21.23
C THR C 77 -20.64 -18.80 21.92
N LEU C 78 -21.84 -18.59 22.47
CA LEU C 78 -22.14 -17.41 23.27
C LEU C 78 -22.73 -17.87 24.61
N PHE C 79 -22.21 -17.32 25.70
CA PHE C 79 -22.65 -17.69 27.04
C PHE C 79 -23.19 -16.47 27.75
N LEU C 80 -24.28 -16.67 28.50
CA LEU C 80 -24.93 -15.61 29.26
C LEU C 80 -25.10 -16.08 30.69
N GLN C 81 -24.38 -15.46 31.61
CA GLN C 81 -24.46 -15.77 33.04
C GLN C 81 -25.45 -14.81 33.68
N MET C 82 -26.55 -15.37 34.19
CA MET C 82 -27.59 -14.61 34.87
C MET C 82 -27.61 -15.02 36.33
N THR C 83 -27.29 -14.09 37.22
CA THR C 83 -27.25 -14.35 38.65
C THR C 83 -28.21 -13.41 39.38
N SER C 84 -28.60 -13.82 40.59
CA SER C 84 -29.55 -13.08 41.43
C SER C 84 -30.82 -12.73 40.64
N LEU C 85 -31.51 -13.77 40.20
CA LEU C 85 -32.72 -13.58 39.40
C LEU C 85 -33.85 -13.02 40.26
N ARG C 86 -34.65 -12.14 39.66
CA ARG C 86 -35.79 -11.53 40.34
C ARG C 86 -37.09 -12.19 39.87
N SER C 87 -38.19 -11.79 40.51
CA SER C 87 -39.49 -12.37 40.19
C SER C 87 -39.98 -11.93 38.81
N GLU C 88 -39.51 -10.79 38.32
CA GLU C 88 -39.93 -10.27 37.03
C GLU C 88 -39.06 -10.78 35.87
N ASP C 89 -38.05 -11.60 36.15
CA ASP C 89 -37.15 -12.07 35.12
C ASP C 89 -37.73 -13.18 34.26
N THR C 90 -38.95 -13.62 34.53
CA THR C 90 -39.60 -14.63 33.70
C THR C 90 -39.91 -14.04 32.33
N ALA C 91 -39.32 -14.60 31.29
CA ALA C 91 -39.46 -14.08 29.93
C ALA C 91 -38.78 -15.04 28.96
N MET C 92 -38.92 -14.76 27.68
CA MET C 92 -38.26 -15.52 26.62
C MET C 92 -37.14 -14.67 26.04
N TYR C 93 -35.94 -15.25 25.96
CA TYR C 93 -34.75 -14.55 25.51
C TYR C 93 -34.41 -14.98 24.08
N TYR C 94 -34.08 -14.01 23.25
CA TYR C 94 -33.65 -14.24 21.87
C TYR C 94 -32.26 -13.65 21.67
N CYS C 95 -31.39 -14.43 21.04
CA CYS C 95 -30.06 -13.98 20.67
C CYS C 95 -30.03 -13.70 19.17
N VAL C 96 -29.67 -12.47 18.81
CA VAL C 96 -29.70 -12.02 17.42
C VAL C 96 -28.32 -11.55 17.00
N ARG C 97 -28.03 -11.67 15.71
CA ARG C 97 -26.77 -11.24 15.13
C ARG C 97 -26.96 -9.95 14.35
N SER C 98 -25.87 -9.18 14.24
CA SER C 98 -25.91 -7.93 13.51
C SER C 98 -24.49 -7.54 13.13
N ILE C 99 -24.30 -7.16 11.86
CA ILE C 99 -23.02 -6.67 11.36
C ILE C 99 -23.18 -5.20 10.99
N TYR C 100 -22.13 -4.42 11.21
CA TYR C 100 -22.18 -2.97 11.03
C TYR C 100 -21.20 -2.57 9.93
N TYR C 101 -21.75 -2.12 8.80
CA TYR C 101 -20.96 -1.54 7.72
C TYR C 101 -21.93 -0.82 6.80
N TYR C 102 -21.37 -0.07 5.85
CA TYR C 102 -22.18 0.70 4.91
C TYR C 102 -22.96 -0.25 4.00
N GLY C 103 -24.28 -0.23 4.10
CA GLY C 103 -25.11 -1.14 3.33
C GLY C 103 -25.45 -2.43 4.03
N SER C 104 -25.26 -2.50 5.34
CA SER C 104 -25.53 -3.72 6.10
C SER C 104 -27.02 -3.81 6.45
N SER C 105 -27.37 -4.84 7.21
CA SER C 105 -28.74 -5.05 7.68
C SER C 105 -28.66 -5.64 9.08
N PRO C 106 -28.47 -4.79 10.11
CA PRO C 106 -28.39 -5.30 11.48
C PRO C 106 -29.72 -5.91 11.92
N PHE C 107 -29.62 -6.88 12.82
CA PHE C 107 -30.78 -7.61 13.33
C PHE C 107 -31.57 -8.25 12.18
N ASP C 108 -30.86 -8.93 11.29
CA ASP C 108 -31.48 -9.55 10.13
C ASP C 108 -32.03 -10.93 10.43
N PHE C 109 -31.32 -11.73 11.24
CA PHE C 109 -31.74 -13.07 11.60
C PHE C 109 -32.02 -13.13 13.09
N TRP C 110 -33.15 -13.72 13.45
CA TRP C 110 -33.57 -13.84 14.85
C TRP C 110 -33.56 -15.31 15.25
N GLY C 111 -32.95 -15.61 16.39
CA GLY C 111 -32.86 -16.97 16.86
C GLY C 111 -34.19 -17.51 17.36
N GLN C 112 -34.11 -18.68 18.00
CA GLN C 112 -35.30 -19.32 18.52
C GLN C 112 -35.60 -18.92 19.96
N GLY C 113 -34.57 -18.59 20.73
CA GLY C 113 -34.74 -18.15 22.10
C GLY C 113 -35.18 -19.27 23.03
N THR C 114 -35.06 -19.01 24.33
CA THR C 114 -35.47 -19.94 25.37
C THR C 114 -36.27 -19.20 26.43
N THR C 115 -37.26 -19.89 26.98
CA THR C 115 -38.09 -19.33 28.04
C THR C 115 -37.45 -19.56 29.40
N LEU C 116 -37.80 -18.70 30.36
CA LEU C 116 -37.29 -18.81 31.72
C LEU C 116 -38.41 -18.36 32.65
N THR C 117 -38.85 -19.25 33.53
CA THR C 117 -39.95 -19.01 34.46
C THR C 117 -39.39 -19.03 35.88
N VAL C 118 -39.25 -17.86 36.48
CA VAL C 118 -38.73 -17.74 37.84
C VAL C 118 -39.87 -17.95 38.83
N SER C 119 -39.57 -18.63 39.94
CA SER C 119 -40.54 -18.90 40.99
C SER C 119 -41.78 -19.62 40.45
N ALA C 136 -31.05 10.82 28.21
CA ALA C 136 -31.95 9.74 28.62
C ALA C 136 -32.29 8.83 27.45
N ASP C 137 -33.08 7.79 27.73
CA ASP C 137 -33.46 6.85 26.69
C ASP C 137 -34.57 7.42 25.81
N ILE C 138 -34.62 6.96 24.56
CA ILE C 138 -35.65 7.41 23.61
C ILE C 138 -36.78 6.39 23.69
N VAL C 139 -37.77 6.68 24.53
CA VAL C 139 -38.91 5.79 24.70
C VAL C 139 -39.78 5.84 23.45
N MET C 140 -40.06 4.68 22.88
CA MET C 140 -40.87 4.59 21.66
C MET C 140 -42.33 4.36 22.03
N THR C 141 -43.21 5.20 21.50
CA THR C 141 -44.64 5.11 21.75
C THR C 141 -45.38 4.94 20.43
N GLN C 142 -46.47 4.16 20.47
CA GLN C 142 -47.29 3.91 19.30
C GLN C 142 -48.74 4.20 19.65
N ALA C 143 -49.35 5.16 18.96
CA ALA C 143 -50.73 5.53 19.23
C ALA C 143 -51.72 4.45 18.79
N THR C 144 -51.33 3.60 17.83
CA THR C 144 -52.18 2.53 17.34
C THR C 144 -51.64 1.20 17.89
N SER C 145 -52.31 0.68 18.90
CA SER C 145 -51.89 -0.58 19.52
C SER C 145 -52.49 -1.80 18.82
N SER C 146 -53.74 -1.70 18.36
CA SER C 146 -54.41 -2.80 17.68
C SER C 146 -55.30 -2.23 16.59
N VAL C 147 -55.03 -2.60 15.34
CA VAL C 147 -55.83 -2.14 14.21
C VAL C 147 -56.42 -3.35 13.50
N PRO C 148 -57.67 -3.71 13.77
CA PRO C 148 -58.30 -4.83 13.05
C PRO C 148 -58.57 -4.47 11.61
N VAL C 149 -57.87 -5.13 10.69
CA VAL C 149 -57.93 -4.80 9.27
C VAL C 149 -58.15 -6.08 8.47
N THR C 150 -58.94 -5.94 7.36
CA THR C 150 -59.26 -6.97 6.39
C THR C 150 -58.12 -7.11 5.38
N PRO C 151 -57.75 -8.34 5.02
CA PRO C 151 -56.68 -8.53 4.03
C PRO C 151 -57.11 -8.03 2.66
N GLY C 152 -56.19 -7.33 1.98
CA GLY C 152 -56.40 -6.80 0.66
C GLY C 152 -56.26 -5.29 0.57
N GLU C 153 -56.56 -4.57 1.65
CA GLU C 153 -56.43 -3.12 1.67
C GLU C 153 -55.13 -2.72 2.34
N SER C 154 -54.74 -1.46 2.11
CA SER C 154 -53.48 -0.96 2.63
C SER C 154 -53.57 -0.71 4.13
N VAL C 155 -52.45 -0.91 4.82
CA VAL C 155 -52.34 -0.70 6.26
C VAL C 155 -51.35 0.43 6.50
N SER C 156 -51.67 1.31 7.44
CA SER C 156 -50.82 2.45 7.79
C SER C 156 -50.60 2.47 9.29
N ILE C 157 -49.35 2.29 9.72
CA ILE C 157 -48.98 2.30 11.12
C ILE C 157 -48.15 3.54 11.42
N SER C 158 -48.45 4.22 12.51
CA SER C 158 -47.75 5.44 12.89
C SER C 158 -46.81 5.17 14.06
N CYS C 159 -45.77 6.00 14.15
CA CYS C 159 -44.80 5.89 15.23
C CYS C 159 -44.25 7.27 15.55
N ARG C 160 -44.17 7.58 16.84
CA ARG C 160 -43.67 8.87 17.32
C ARG C 160 -42.47 8.65 18.23
N SER C 161 -41.44 9.46 18.04
CA SER C 161 -40.22 9.40 18.82
C SER C 161 -40.06 10.67 19.64
N SER C 162 -39.54 10.53 20.85
CA SER C 162 -39.34 11.68 21.74
C SER C 162 -38.09 12.47 21.40
N LYS C 163 -37.11 11.86 20.73
CA LYS C 163 -35.89 12.53 20.34
C LYS C 163 -35.66 12.35 18.85
N SER C 164 -35.06 13.37 18.23
CA SER C 164 -34.79 13.34 16.80
C SER C 164 -33.78 12.25 16.48
N LEU C 165 -34.19 11.27 15.68
CA LEU C 165 -33.32 10.17 15.29
C LEU C 165 -32.41 10.51 14.11
N LEU C 166 -32.53 11.71 13.55
CA LEU C 166 -31.71 12.11 12.41
C LEU C 166 -30.38 12.64 12.91
N HIS C 167 -29.30 11.90 12.64
CA HIS C 167 -27.97 12.31 13.05
C HIS C 167 -27.41 13.35 12.08
N SER C 168 -26.24 13.89 12.43
CA SER C 168 -25.60 14.90 11.60
C SER C 168 -25.16 14.35 10.24
N ASN C 169 -24.94 13.04 10.14
CA ASN C 169 -24.52 12.46 8.87
C ASN C 169 -25.65 12.38 7.86
N GLY C 170 -26.90 12.49 8.31
CA GLY C 170 -28.05 12.43 7.43
C GLY C 170 -28.75 11.10 7.38
N ASN C 171 -28.30 10.11 8.16
CA ASN C 171 -28.91 8.79 8.17
C ASN C 171 -29.96 8.69 9.27
N THR C 172 -31.01 7.93 8.97
CA THR C 172 -32.11 7.71 9.91
C THR C 172 -31.97 6.32 10.51
N TYR C 173 -31.91 6.26 11.85
CA TYR C 173 -31.74 5.00 12.57
C TYR C 173 -33.10 4.56 13.10
N LEU C 174 -33.72 3.61 12.41
CA LEU C 174 -35.01 3.07 12.84
C LEU C 174 -35.17 1.69 12.23
N TYR C 175 -35.59 0.72 13.05
CA TYR C 175 -35.75 -0.66 12.62
C TYR C 175 -37.17 -1.13 12.91
N TRP C 176 -37.74 -1.87 11.97
CA TRP C 176 -39.09 -2.42 12.09
C TRP C 176 -39.00 -3.94 12.07
N PHE C 177 -39.66 -4.58 13.04
CA PHE C 177 -39.66 -6.03 13.17
C PHE C 177 -41.10 -6.53 13.16
N LEU C 178 -41.30 -7.67 12.48
CA LEU C 178 -42.61 -8.31 12.38
C LEU C 178 -42.55 -9.65 13.09
N GLN C 179 -43.19 -9.75 14.26
CA GLN C 179 -43.21 -10.98 15.04
C GLN C 179 -44.55 -11.67 14.81
N ARG C 180 -44.52 -12.77 14.06
CA ARG C 180 -45.73 -13.54 13.80
C ARG C 180 -46.08 -14.41 15.00
N PRO C 181 -47.37 -14.69 15.20
CA PRO C 181 -47.76 -15.55 16.33
C PRO C 181 -47.17 -16.94 16.20
N GLY C 182 -46.32 -17.30 17.16
CA GLY C 182 -45.65 -18.58 17.15
C GLY C 182 -44.39 -18.65 16.32
N GLN C 183 -43.87 -17.52 15.85
CA GLN C 183 -42.66 -17.49 15.03
C GLN C 183 -41.75 -16.37 15.52
N SER C 184 -40.48 -16.47 15.14
CA SER C 184 -39.51 -15.47 15.53
C SER C 184 -39.71 -14.18 14.72
N PRO C 185 -39.41 -13.03 15.30
CA PRO C 185 -39.57 -11.77 14.57
C PRO C 185 -38.69 -11.70 13.34
N GLN C 186 -39.15 -10.93 12.36
CA GLN C 186 -38.45 -10.76 11.08
C GLN C 186 -38.24 -9.28 10.81
N LEU C 187 -37.05 -8.92 10.36
CA LEU C 187 -36.72 -7.53 10.05
C LEU C 187 -37.33 -7.15 8.71
N LEU C 188 -38.11 -6.06 8.70
CA LEU C 188 -38.72 -5.55 7.48
C LEU C 188 -37.96 -4.36 6.92
N ILE C 189 -37.78 -3.31 7.73
CA ILE C 189 -37.07 -2.10 7.32
C ILE C 189 -35.95 -1.86 8.32
N TYR C 190 -34.75 -1.57 7.80
CA TYR C 190 -33.59 -1.31 8.65
C TYR C 190 -33.11 0.13 8.61
N ARG C 191 -33.24 0.80 7.46
CA ARG C 191 -32.83 2.19 7.34
C ARG C 191 -33.77 2.97 6.43
N SER C 193 -36.73 3.40 5.16
CA SER C 193 -36.86 3.60 3.72
C SER C 193 -36.27 2.44 2.95
N ASN C 194 -35.07 2.00 3.36
CA ASN C 194 -34.41 0.89 2.69
C ASN C 194 -35.10 -0.42 3.03
N LEU C 195 -35.27 -1.26 2.02
CA LEU C 195 -35.94 -2.55 2.18
C LEU C 195 -34.92 -3.64 2.47
N ALA C 196 -35.26 -4.53 3.40
CA ALA C 196 -34.38 -5.63 3.77
C ALA C 196 -34.43 -6.73 2.72
N SER C 197 -33.48 -7.66 2.82
CA SER C 197 -33.39 -8.77 1.89
C SER C 197 -34.47 -9.80 2.20
N GLY C 198 -35.05 -10.37 1.13
CA GLY C 198 -36.11 -11.35 1.28
C GLY C 198 -37.48 -10.80 1.59
N VAL C 199 -37.59 -9.52 1.92
CA VAL C 199 -38.87 -8.90 2.24
C VAL C 199 -39.48 -8.37 0.95
N PRO C 200 -40.77 -8.63 0.67
CA PRO C 200 -41.38 -8.09 -0.54
C PRO C 200 -41.43 -6.57 -0.54
N ASP C 201 -41.62 -6.01 -1.73
CA ASP C 201 -41.64 -4.56 -1.91
C ASP C 201 -42.94 -3.92 -1.46
N ARG C 202 -43.86 -4.68 -0.87
CA ARG C 202 -45.13 -4.11 -0.42
C ARG C 202 -44.97 -3.22 0.80
N PHE C 203 -43.88 -3.38 1.56
CA PHE C 203 -43.63 -2.59 2.74
C PHE C 203 -42.85 -1.32 2.39
N SER C 204 -43.21 -0.22 3.03
CA SER C 204 -42.50 1.04 2.82
C SER C 204 -42.53 1.85 4.10
N GLY C 205 -41.59 2.77 4.24
CA GLY C 205 -41.52 3.63 5.41
C GLY C 205 -41.13 5.05 5.06
N SER C 206 -41.84 6.02 5.62
CA SER C 206 -41.57 7.42 5.31
C SER C 206 -41.91 8.30 6.50
N GLY C 207 -41.18 9.38 6.65
CA GLY C 207 -41.46 10.32 7.71
C GLY C 207 -40.26 11.20 8.00
N SER C 208 -40.48 12.14 8.93
CA SER C 208 -39.45 13.07 9.36
C SER C 208 -38.65 12.46 10.50
N GLY C 209 -37.82 13.27 11.14
CA GLY C 209 -36.98 12.79 12.24
C GLY C 209 -37.72 12.50 13.52
N THR C 210 -38.98 12.90 13.64
CA THR C 210 -39.75 12.69 14.85
C THR C 210 -40.99 11.82 14.64
N ALA C 211 -41.49 11.70 13.42
CA ALA C 211 -42.67 10.88 13.12
C ALA C 211 -42.37 9.97 11.95
N PHE C 212 -42.87 8.74 12.02
CA PHE C 212 -42.65 7.75 10.98
C PHE C 212 -43.96 7.03 10.67
N THR C 213 -44.11 6.63 9.41
CA THR C 213 -45.28 5.89 8.96
C THR C 213 -44.82 4.69 8.16
N LEU C 214 -45.34 3.52 8.51
CA LEU C 214 -45.09 2.27 7.80
C LEU C 214 -46.34 1.93 7.00
N THR C 215 -46.18 1.75 5.69
CA THR C 215 -47.28 1.52 4.77
C THR C 215 -47.14 0.14 4.14
N ILE C 216 -48.23 -0.63 4.18
CA ILE C 216 -48.33 -1.93 3.52
C ILE C 216 -49.37 -1.80 2.43
N SER C 217 -48.95 -2.06 1.19
CA SER C 217 -49.85 -1.88 0.04
C SER C 217 -51.00 -2.87 0.07
N ARG C 218 -50.69 -4.16 0.15
CA ARG C 218 -51.71 -5.20 0.19
C ARG C 218 -51.30 -6.23 1.25
N LEU C 219 -52.12 -6.37 2.28
CA LEU C 219 -51.83 -7.34 3.34
C LEU C 219 -52.41 -8.70 2.98
N GLU C 220 -51.64 -9.74 3.24
CA GLU C 220 -52.03 -11.12 2.94
C GLU C 220 -52.19 -11.90 4.24
N ALA C 221 -52.52 -13.19 4.10
CA ALA C 221 -52.72 -14.03 5.27
C ALA C 221 -51.41 -14.31 6.01
N GLU C 222 -50.27 -14.22 5.33
CA GLU C 222 -48.98 -14.45 5.96
C GLU C 222 -48.38 -13.20 6.58
N ASP C 223 -49.01 -12.04 6.39
CA ASP C 223 -48.50 -10.79 6.94
C ASP C 223 -49.02 -10.50 8.33
N VAL C 224 -49.80 -11.41 8.92
CA VAL C 224 -50.33 -11.18 10.26
C VAL C 224 -49.22 -11.27 11.29
N GLY C 225 -49.22 -10.35 12.25
CA GLY C 225 -48.21 -10.33 13.27
C GLY C 225 -48.22 -9.00 14.01
N VAL C 226 -47.24 -8.87 14.90
CA VAL C 226 -47.06 -7.67 15.71
C VAL C 226 -45.90 -6.88 15.14
N TYR C 227 -46.08 -5.57 15.02
CA TYR C 227 -45.07 -4.67 14.46
C TYR C 227 -44.39 -3.91 15.59
N TYR C 228 -43.08 -4.14 15.75
CA TYR C 228 -42.29 -3.46 16.76
C TYR C 228 -41.31 -2.50 16.09
N CYS C 229 -41.07 -1.37 16.75
CA CYS C 229 -40.13 -0.37 16.27
C CYS C 229 -38.99 -0.23 17.27
N MET C 230 -37.80 0.06 16.73
CA MET C 230 -36.61 0.19 17.55
C MET C 230 -35.75 1.34 17.05
N GLN C 231 -35.20 2.13 17.97
CA GLN C 231 -34.29 3.20 17.65
C GLN C 231 -32.85 2.76 17.92
N HIS C 232 -31.94 3.23 17.07
CA HIS C 232 -30.53 2.84 17.13
C HIS C 232 -29.64 4.08 17.12
N LEU C 233 -30.01 5.08 17.91
CA LEU C 233 -29.22 6.30 18.01
C LEU C 233 -28.15 6.21 19.09
N GLU C 234 -28.43 5.51 20.18
CA GLU C 234 -27.47 5.31 21.25
C GLU C 234 -27.33 3.81 21.52
N TYR C 235 -26.51 3.46 22.51
CA TYR C 235 -26.29 2.08 22.89
C TYR C 235 -27.48 1.48 23.64
N PRO C 236 -28.07 2.18 24.63
CA PRO C 236 -29.26 1.61 25.29
C PRO C 236 -30.50 1.64 24.43
N LEU C 237 -30.63 0.65 23.53
CA LEU C 237 -31.78 0.60 22.64
C LEU C 237 -33.08 0.44 23.44
N THR C 238 -34.16 0.97 22.87
CA THR C 238 -35.48 0.89 23.50
C THR C 238 -36.50 0.50 22.45
N PHE C 239 -37.35 -0.45 22.79
CA PHE C 239 -38.38 -0.96 21.89
C PHE C 239 -39.72 -0.27 22.16
N GLY C 240 -40.67 -0.48 21.24
CA GLY C 240 -41.99 0.08 21.37
C GLY C 240 -42.98 -0.89 21.99
N ALA C 241 -44.24 -0.44 22.06
CA ALA C 241 -45.29 -1.27 22.65
C ALA C 241 -45.70 -2.40 21.72
N GLY C 242 -45.67 -2.16 20.40
CA GLY C 242 -46.05 -3.19 19.45
C GLY C 242 -47.47 -3.04 18.93
N THR C 243 -47.63 -3.08 17.61
CA THR C 243 -48.93 -2.95 16.97
C THR C 243 -49.30 -4.28 16.34
N LYS C 244 -50.38 -4.89 16.82
CA LYS C 244 -50.87 -6.16 16.29
C LYS C 244 -52.05 -5.93 15.37
N LEU C 245 -52.16 -6.77 14.34
CA LEU C 245 -53.22 -6.68 13.36
C LEU C 245 -54.08 -7.94 13.43
N GLU C 246 -55.40 -7.75 13.45
CA GLU C 246 -56.35 -8.85 13.52
C GLU C 246 -56.75 -9.26 12.10
N LEU C 247 -56.57 -10.53 11.78
CA LEU C 247 -56.81 -11.02 10.43
C LEU C 247 -58.30 -11.04 10.09
N THR D 5 -3.84 -23.77 -45.19
CA THR D 5 -2.94 -22.68 -44.82
C THR D 5 -3.65 -21.64 -43.96
N ALA D 6 -2.89 -20.87 -43.19
CA ALA D 6 -3.44 -19.83 -42.33
C ALA D 6 -3.12 -18.43 -42.81
N SER D 7 -2.06 -18.25 -43.59
CA SER D 7 -1.69 -16.93 -44.07
C SER D 7 -2.76 -16.36 -45.00
N ILE D 8 -3.25 -17.17 -45.94
CA ILE D 8 -4.31 -16.73 -46.82
C ILE D 8 -5.57 -16.42 -46.01
N ALA D 9 -5.83 -17.21 -44.96
CA ALA D 9 -7.00 -16.97 -44.13
C ALA D 9 -6.93 -15.63 -43.42
N GLN D 10 -5.80 -15.33 -42.77
CA GLN D 10 -5.68 -14.06 -42.08
C GLN D 10 -5.65 -12.89 -43.06
N ALA D 11 -5.09 -13.10 -44.25
CA ALA D 11 -5.10 -12.06 -45.27
C ALA D 11 -6.52 -11.75 -45.71
N ARG D 12 -7.32 -12.79 -45.96
CA ARG D 12 -8.71 -12.57 -46.35
C ARG D 12 -9.50 -11.91 -45.21
N LYS D 13 -9.23 -12.30 -43.97
CA LYS D 13 -9.90 -11.67 -42.83
C LYS D 13 -9.56 -10.19 -42.74
N LEU D 14 -8.28 -9.84 -42.91
CA LEU D 14 -7.88 -8.44 -42.88
C LEU D 14 -8.49 -7.66 -44.04
N VAL D 15 -8.56 -8.27 -45.22
CA VAL D 15 -9.16 -7.60 -46.37
C VAL D 15 -10.64 -7.33 -46.10
N GLU D 16 -11.34 -8.32 -45.55
CA GLU D 16 -12.76 -8.12 -45.24
C GLU D 16 -12.95 -7.06 -44.16
N GLN D 17 -12.07 -7.04 -43.16
CA GLN D 17 -12.18 -6.04 -42.11
C GLN D 17 -11.94 -4.64 -42.66
N LEU D 18 -10.95 -4.49 -43.54
CA LEU D 18 -10.70 -3.19 -44.16
C LEU D 18 -11.86 -2.77 -45.05
N LYS D 19 -12.43 -3.71 -45.81
CA LYS D 19 -13.56 -3.37 -46.68
C LYS D 19 -14.78 -2.97 -45.85
N MET D 20 -14.97 -3.58 -44.69
CA MET D 20 -16.10 -3.20 -43.84
C MET D 20 -15.84 -1.85 -43.17
N GLU D 21 -14.61 -1.61 -42.73
CA GLU D 21 -14.28 -0.34 -42.08
C GLU D 21 -14.32 0.83 -43.06
N ALA D 22 -14.08 0.56 -44.35
CA ALA D 22 -14.10 1.64 -45.34
C ALA D 22 -15.52 2.17 -45.55
N ASN D 23 -16.53 1.35 -45.32
CA ASN D 23 -17.92 1.74 -45.54
C ASN D 23 -18.55 2.21 -44.23
N ILE D 24 -18.12 3.39 -43.79
CA ILE D 24 -18.65 4.03 -42.60
C ILE D 24 -18.77 5.53 -42.87
N ASP D 25 -19.83 6.14 -42.33
CA ASP D 25 -20.05 7.57 -42.51
C ASP D 25 -19.18 8.37 -41.55
N ARG D 26 -18.41 9.31 -42.08
CA ARG D 26 -17.53 10.15 -41.29
C ARG D 26 -17.94 11.61 -41.45
N ILE D 27 -18.24 12.27 -40.35
CA ILE D 27 -18.64 13.66 -40.37
C ILE D 27 -17.40 14.55 -40.26
N LYS D 28 -17.58 15.82 -40.60
CA LYS D 28 -16.48 16.77 -40.56
C LYS D 28 -16.05 17.05 -39.12
N VAL D 29 -14.89 17.69 -38.98
CA VAL D 29 -14.35 17.97 -37.65
C VAL D 29 -15.04 19.18 -37.03
N SER D 30 -15.51 20.12 -37.84
CA SER D 30 -16.12 21.33 -37.31
C SER D 30 -17.38 21.03 -36.52
N LYS D 31 -18.28 20.23 -37.10
CA LYS D 31 -19.53 19.91 -36.42
C LYS D 31 -19.28 19.06 -35.17
N ALA D 32 -18.33 18.14 -35.24
CA ALA D 32 -18.01 17.33 -34.06
C ALA D 32 -17.44 18.19 -32.94
N ALA D 33 -16.54 19.12 -33.28
CA ALA D 33 -15.98 20.00 -32.25
C ALA D 33 -17.06 20.91 -31.68
N ALA D 34 -17.98 21.38 -32.52
CA ALA D 34 -19.07 22.23 -32.03
C ALA D 34 -19.98 21.44 -31.07
N ASP D 35 -20.29 20.19 -31.42
CA ASP D 35 -21.12 19.37 -30.54
C ASP D 35 -20.41 19.08 -29.23
N LEU D 36 -19.10 18.81 -29.28
CA LEU D 36 -18.34 18.56 -28.06
C LEU D 36 -18.32 19.80 -27.18
N MET D 37 -18.09 20.98 -27.77
CA MET D 37 -18.09 22.21 -26.99
C MET D 37 -19.45 22.50 -26.38
N ALA D 38 -20.52 22.24 -27.14
CA ALA D 38 -21.87 22.45 -26.61
C ALA D 38 -22.16 21.51 -25.45
N TYR D 39 -21.79 20.24 -25.58
CA TYR D 39 -22.00 19.29 -24.49
C TYR D 39 -21.18 19.65 -23.27
N CYS D 40 -19.95 20.15 -23.47
CA CYS D 40 -19.11 20.52 -22.35
C CYS D 40 -19.64 21.78 -21.66
N GLU D 41 -20.19 22.72 -22.42
CA GLU D 41 -20.75 23.94 -21.84
C GLU D 41 -22.07 23.68 -21.14
N ALA D 42 -22.84 22.69 -21.63
CA ALA D 42 -24.14 22.39 -21.02
C ALA D 42 -24.00 21.84 -19.61
N HIS D 43 -22.81 21.37 -19.22
CA HIS D 43 -22.57 20.82 -17.89
C HIS D 43 -21.42 21.53 -17.19
N ALA D 44 -21.15 22.79 -17.58
CA ALA D 44 -20.05 23.53 -16.97
C ALA D 44 -20.35 23.89 -15.52
N LYS D 45 -21.62 24.21 -15.22
CA LYS D 45 -22.00 24.58 -13.86
C LYS D 45 -22.17 23.37 -12.95
N GLU D 46 -22.31 22.17 -13.51
CA GLU D 46 -22.51 20.96 -12.73
C GLU D 46 -21.22 20.15 -12.57
N ASP D 47 -20.08 20.82 -12.49
CA ASP D 47 -18.79 20.15 -12.33
C ASP D 47 -18.11 20.64 -11.06
N PRO D 48 -17.97 19.80 -10.03
CA PRO D 48 -17.31 20.27 -8.80
C PRO D 48 -15.84 20.59 -9.00
N LEU D 49 -15.17 19.97 -9.97
CA LEU D 49 -13.76 20.24 -10.19
C LEU D 49 -13.56 21.60 -10.88
N LEU D 50 -14.44 21.94 -11.83
CA LEU D 50 -14.30 23.22 -12.52
C LEU D 50 -14.78 24.37 -11.66
N THR D 51 -15.97 24.24 -11.06
CA THR D 51 -16.52 25.27 -10.18
C THR D 51 -16.37 24.83 -8.73
N PRO D 52 -15.55 25.51 -7.94
CA PRO D 52 -15.35 25.08 -6.54
C PRO D 52 -16.62 25.29 -5.72
N VAL D 53 -17.25 24.18 -5.34
CA VAL D 53 -18.45 24.21 -4.51
C VAL D 53 -18.04 24.57 -3.08
N PRO D 54 -18.84 25.35 -2.35
CA PRO D 54 -18.50 25.64 -0.95
C PRO D 54 -18.42 24.38 -0.11
N ALA D 55 -17.79 24.54 1.06
CA ALA D 55 -17.57 23.40 1.97
C ALA D 55 -18.86 22.83 2.54
N SER D 56 -19.99 23.54 2.41
CA SER D 56 -21.25 23.04 2.93
C SER D 56 -21.80 21.86 2.15
N GLU D 57 -21.31 21.63 0.93
CA GLU D 57 -21.79 20.51 0.11
C GLU D 57 -20.78 19.38 0.02
N ASN D 58 -19.55 19.58 0.45
CA ASN D 58 -18.53 18.53 0.40
C ASN D 58 -18.83 17.42 1.41
N CYS E 186 49.04 35.87 39.00
CA CYS E 186 48.84 35.02 37.83
C CYS E 186 47.58 35.41 37.07
N SER E 187 47.54 35.04 35.79
CA SER E 187 46.40 35.34 34.93
C SER E 187 46.05 34.11 34.11
N PRO E 188 44.77 33.74 34.03
CA PRO E 188 44.39 32.52 33.29
C PRO E 188 44.34 32.78 31.79
N PHE E 189 44.88 31.83 31.02
CA PHE E 189 44.85 31.85 29.56
C PHE E 189 45.39 33.15 28.99
N PRO E 190 46.70 33.37 29.03
CA PRO E 190 47.27 34.55 28.37
C PRO E 190 46.96 34.56 26.88
N LEU E 191 47.09 35.74 26.26
CA LEU E 191 46.71 35.90 24.86
C LEU E 191 47.53 35.02 23.94
N GLY E 192 48.83 34.87 24.22
CA GLY E 192 49.71 34.10 23.36
C GLY E 192 49.22 32.70 23.07
N ALA E 193 48.44 32.10 23.96
CA ALA E 193 47.79 30.82 23.74
C ALA E 193 46.29 30.94 23.54
N LEU E 194 45.71 32.10 23.87
CA LEU E 194 44.27 32.28 23.74
C LEU E 194 43.88 32.59 22.30
N VAL E 195 44.78 33.21 21.53
CA VAL E 195 44.45 33.54 20.14
C VAL E 195 44.41 32.31 19.24
N PRO E 196 45.42 31.43 19.22
CA PRO E 196 45.34 30.27 18.32
C PRO E 196 44.19 29.32 18.64
N VAL E 197 43.91 29.12 19.92
CA VAL E 197 42.80 28.24 20.30
C VAL E 197 41.47 28.85 19.87
N THR E 198 41.34 30.18 19.94
CA THR E 198 40.12 30.81 19.48
C THR E 198 39.98 30.73 17.96
N ALA E 199 41.11 30.86 17.24
CA ALA E 199 41.06 30.75 15.79
C ALA E 199 40.65 29.35 15.35
N VAL E 200 41.24 28.33 15.99
CA VAL E 200 40.87 26.96 15.66
C VAL E 200 39.42 26.69 16.08
N CYS E 201 38.96 27.35 17.14
CA CYS E 201 37.55 27.24 17.51
C CYS E 201 36.65 27.82 16.44
N LEU E 202 37.03 28.98 15.88
CA LEU E 202 36.21 29.58 14.83
C LEU E 202 36.15 28.70 13.59
N CYS E 203 37.29 28.17 13.15
CA CYS E 203 37.26 27.36 11.94
C CYS E 203 36.51 26.06 12.17
N LEU E 204 36.73 25.43 13.34
CA LEU E 204 35.94 24.26 13.70
C LEU E 204 34.45 24.57 13.72
N PHE E 205 34.08 25.73 14.26
CA PHE E 205 32.67 26.11 14.34
C PHE E 205 32.05 26.26 12.96
N VAL E 206 32.75 26.94 12.06
CA VAL E 206 32.17 27.21 10.75
C VAL E 206 32.06 25.92 9.94
N VAL E 207 33.09 25.07 9.98
CA VAL E 207 33.00 23.82 9.24
C VAL E 207 31.91 22.93 9.83
N GLY E 208 31.78 22.93 11.16
CA GLY E 208 30.74 22.13 11.79
C GLY E 208 29.34 22.60 11.43
N VAL E 209 29.10 23.91 11.47
CA VAL E 209 27.76 24.39 11.15
C VAL E 209 27.45 24.16 9.68
N SER E 210 28.46 24.32 8.80
CA SER E 210 28.24 24.00 7.39
C SER E 210 27.83 22.55 7.21
N GLY E 211 28.62 21.63 7.77
CA GLY E 211 28.29 20.21 7.66
C GLY E 211 26.93 19.88 8.25
N ASN E 212 26.58 20.52 9.36
CA ASN E 212 25.35 20.18 10.06
C ASN E 212 24.13 20.69 9.31
N VAL E 213 24.21 21.90 8.74
CA VAL E 213 23.08 22.40 7.95
C VAL E 213 22.95 21.60 6.65
N VAL E 214 24.09 21.15 6.08
CA VAL E 214 24.01 20.30 4.91
C VAL E 214 23.36 18.96 5.26
N THR E 215 23.65 18.44 6.45
CA THR E 215 23.06 17.17 6.88
C THR E 215 21.56 17.31 7.12
N VAL E 216 21.15 18.40 7.78
CA VAL E 216 19.74 18.56 8.13
C VAL E 216 18.90 19.00 6.95
N MET E 217 19.49 19.66 5.95
CA MET E 217 18.72 20.15 4.82
C MET E 217 18.34 19.07 3.82
N LEU E 218 18.93 17.88 3.90
CA LEU E 218 18.57 16.78 3.01
C LEU E 218 17.57 15.82 3.63
N ILE E 219 17.20 16.00 4.89
CA ILE E 219 16.24 15.12 5.55
C ILE E 219 14.83 15.71 5.59
N GLY E 220 14.67 16.99 5.28
CA GLY E 220 13.36 17.61 5.35
C GLY E 220 12.58 17.56 4.05
N ARG E 221 13.24 17.87 2.94
CA ARG E 221 12.55 17.94 1.65
C ARG E 221 12.70 16.68 0.82
N TYR E 222 13.44 15.69 1.31
CA TYR E 222 13.61 14.42 0.61
C TYR E 222 12.89 13.31 1.36
N ARG E 223 12.11 12.51 0.63
CA ARG E 223 11.34 11.43 1.23
C ARG E 223 12.09 10.11 1.26
N ASP E 224 13.00 9.88 0.30
CA ASP E 224 13.80 8.66 0.32
C ASP E 224 14.89 8.72 1.38
N MET E 225 15.14 9.89 1.96
CA MET E 225 16.19 10.07 2.95
C MET E 225 15.63 9.96 4.37
N ARG E 226 14.53 9.22 4.54
CA ARG E 226 13.90 9.02 5.83
C ARG E 226 14.09 7.58 6.30
N THR E 227 15.25 7.02 6.05
CA THR E 227 15.58 5.68 6.52
C THR E 227 15.63 5.67 8.05
N THR E 228 15.36 4.51 8.65
CA THR E 228 15.38 4.37 10.10
C THR E 228 16.68 4.89 10.70
N THR E 229 17.81 4.63 10.03
CA THR E 229 19.09 5.15 10.51
C THR E 229 19.20 6.65 10.27
N ASN E 230 18.51 7.15 9.25
CA ASN E 230 18.56 8.58 8.96
C ASN E 230 17.86 9.41 10.03
N LEU E 231 16.88 8.85 10.73
CA LEU E 231 16.26 9.58 11.84
C LEU E 231 17.25 9.77 12.98
N TYR E 232 18.01 8.73 13.32
CA TYR E 232 19.05 8.88 14.33
C TYR E 232 20.12 9.86 13.86
N LEU E 233 20.46 9.79 12.57
CA LEU E 233 21.44 10.73 12.02
C LEU E 233 20.97 12.18 12.16
N GLY E 234 19.70 12.43 11.84
CA GLY E 234 19.17 13.79 11.94
C GLY E 234 19.03 14.26 13.38
N SER E 235 18.67 13.34 14.29
CA SER E 235 18.59 13.71 15.70
C SER E 235 19.97 14.06 16.25
N MET E 236 20.98 13.25 15.92
CA MET E 236 22.34 13.60 16.29
C MET E 236 22.77 14.91 15.66
N ALA E 237 22.30 15.19 14.43
CA ALA E 237 22.65 16.43 13.76
C ALA E 237 22.07 17.64 14.50
N VAL E 238 20.80 17.56 14.91
CA VAL E 238 20.19 18.69 15.61
C VAL E 238 20.79 18.83 17.02
N SER E 239 21.19 17.70 17.62
CA SER E 239 21.87 17.77 18.91
C SER E 239 23.21 18.50 18.77
N ASP E 240 23.99 18.14 17.75
CA ASP E 240 25.25 18.83 17.48
C ASP E 240 25.00 20.28 17.11
N LEU E 241 23.84 20.57 16.52
CA LEU E 241 23.52 21.96 16.17
C LEU E 241 23.26 22.79 17.41
N LEU E 242 22.54 22.22 18.38
CA LEU E 242 22.37 22.91 19.66
C LEU E 242 23.71 23.07 20.38
N ILE E 243 24.56 22.04 20.29
CA ILE E 243 25.91 22.14 20.85
C ILE E 243 26.66 23.32 20.23
N LEU E 244 26.62 23.42 18.89
CA LEU E 244 27.37 24.44 18.20
C LEU E 244 26.78 25.83 18.37
N LEU E 245 25.47 25.94 18.61
CA LEU E 245 24.89 27.26 18.90
C LEU E 245 25.12 27.67 20.34
N GLY E 246 25.29 26.70 21.26
CA GLY E 246 25.71 27.04 22.61
C GLY E 246 27.20 27.31 22.70
N LEU E 247 27.96 26.85 21.72
CA LEU E 247 29.40 27.10 21.69
C LEU E 247 29.78 28.58 21.80
N PRO E 248 29.18 29.52 21.06
CA PRO E 248 29.64 30.92 21.18
C PRO E 248 29.59 31.47 22.60
N PHE E 249 28.65 31.00 23.39
CA PHE E 249 28.47 31.53 24.72
C PHE E 249 29.48 30.90 25.59
N ASP E 250 30.62 30.60 25.06
CA ASP E 250 31.54 29.88 25.86
C ASP E 250 32.79 30.30 25.30
N LEU E 251 32.79 30.56 24.01
CA LEU E 251 34.01 31.06 23.43
C LEU E 251 34.09 32.37 24.15
N TYR E 252 32.93 33.02 24.28
CA TYR E 252 33.04 34.34 24.89
C TYR E 252 33.39 34.24 26.37
N ARG E 253 33.11 33.12 26.99
CA ARG E 253 33.47 32.93 28.38
C ARG E 253 34.93 32.72 28.40
N LEU E 254 35.47 32.16 27.34
CA LEU E 254 36.86 31.85 27.36
C LEU E 254 37.69 33.08 27.33
N TRP E 255 37.07 34.23 27.17
CA TRP E 255 37.74 35.53 27.10
C TRP E 255 37.68 36.26 28.45
N ARG E 256 36.47 36.47 28.96
CA ARG E 256 36.25 37.21 30.21
C ARG E 256 35.29 36.40 31.07
N SER E 257 35.84 35.66 32.03
CA SER E 257 35.01 34.78 32.87
C SER E 257 34.35 35.56 33.99
N ARG E 258 35.03 36.59 34.52
CA ARG E 258 34.52 37.30 35.68
C ARG E 258 33.23 38.09 35.43
N PRO E 259 32.98 38.69 34.26
CA PRO E 259 31.75 39.46 34.09
C PRO E 259 30.50 38.58 34.13
N TRP E 260 29.35 39.25 33.97
CA TRP E 260 28.06 38.57 34.05
C TRP E 260 27.90 37.61 32.87
N VAL E 261 26.95 36.68 33.02
CA VAL E 261 26.79 35.57 32.09
C VAL E 261 25.51 35.73 31.28
N PHE E 262 25.12 36.99 31.05
CA PHE E 262 23.94 37.32 30.23
C PHE E 262 22.65 36.77 30.82
N GLY E 263 22.57 36.73 32.15
CA GLY E 263 21.37 36.26 32.82
C GLY E 263 21.66 35.20 33.86
N PRO E 264 20.95 35.25 34.99
CA PRO E 264 21.15 34.24 36.04
C PRO E 264 20.64 32.87 35.63
N LEU E 265 19.50 32.83 34.95
CA LEU E 265 18.95 31.55 34.52
C LEU E 265 19.54 31.08 33.19
N LEU E 266 20.09 32.01 32.41
CA LEU E 266 20.58 31.65 31.08
C LEU E 266 21.79 30.74 31.15
N CYS E 267 22.69 30.96 32.11
CA CYS E 267 23.87 30.10 32.24
C CYS E 267 23.46 28.68 32.63
N ARG E 268 22.54 28.56 33.58
CA ARG E 268 22.05 27.23 33.96
C ARG E 268 21.36 26.54 32.79
N LEU E 269 20.53 27.27 32.04
CA LEU E 269 19.87 26.69 30.87
C LEU E 269 20.89 26.24 29.83
N SER E 270 21.93 27.05 29.62
CA SER E 270 22.95 26.71 28.63
C SER E 270 23.72 25.46 29.04
N LEU E 271 24.13 25.37 30.29
CA LEU E 271 24.81 24.15 30.75
C LEU E 271 23.88 22.94 30.67
N TYR E 272 22.60 23.12 31.02
CA TYR E 272 21.64 22.03 30.94
C TYR E 272 21.53 21.49 29.52
N VAL E 273 21.26 22.38 28.55
CA VAL E 273 21.09 21.92 27.18
C VAL E 273 22.41 21.38 26.62
N GLY E 274 23.51 21.92 27.17
CA GLY E 274 24.81 21.48 26.74
C GLY E 274 24.98 20.05 27.09
N GLU E 275 24.85 19.74 28.35
CA GLU E 275 25.10 18.40 28.72
C GLU E 275 24.03 17.53 28.15
N GLY E 276 22.89 18.08 27.82
CA GLY E 276 21.84 17.21 27.39
C GLY E 276 22.21 16.70 26.06
N CYS E 277 22.59 17.59 25.19
CA CYS E 277 22.90 17.21 23.81
C CYS E 277 24.05 16.22 23.75
N THR E 278 25.05 16.36 24.63
CA THR E 278 26.12 15.36 24.67
C THR E 278 25.60 14.00 25.08
N TYR E 279 24.77 13.95 26.13
CA TYR E 279 24.20 12.67 26.54
C TYR E 279 23.32 12.08 25.44
N ALA E 280 22.55 12.92 24.75
CA ALA E 280 21.69 12.44 23.67
C ALA E 280 22.52 11.90 22.51
N THR E 281 23.62 12.59 22.17
CA THR E 281 24.47 12.12 21.08
C THR E 281 25.14 10.80 21.45
N LEU E 282 25.56 10.65 22.71
CA LEU E 282 26.17 9.40 23.13
C LEU E 282 25.16 8.25 23.07
N LEU E 283 23.94 8.49 23.57
CA LEU E 283 22.91 7.47 23.53
C LEU E 283 22.52 7.14 22.09
N HIS E 284 22.53 8.13 21.21
CA HIS E 284 22.19 7.90 19.81
C HIS E 284 23.28 7.08 19.14
N MET E 285 24.54 7.35 19.46
CA MET E 285 25.63 6.54 18.92
C MET E 285 25.53 5.10 19.40
N THR E 286 25.21 4.90 20.69
CA THR E 286 25.00 3.55 21.21
C THR E 286 23.87 2.84 20.47
N ALA E 287 22.73 3.52 20.32
CA ALA E 287 21.59 2.92 19.63
C ALA E 287 21.92 2.63 18.18
N LEU E 288 22.68 3.52 17.53
CA LEU E 288 23.05 3.30 16.14
C LEU E 288 23.98 2.09 16.00
N SER E 289 24.91 1.91 16.94
CA SER E 289 25.75 0.72 16.92
C SER E 289 24.92 -0.53 17.11
N VAL E 290 23.95 -0.49 18.03
CA VAL E 290 23.08 -1.66 18.26
C VAL E 290 22.27 -1.97 17.01
N GLU E 291 21.78 -0.93 16.33
CA GLU E 291 20.98 -1.14 15.13
C GLU E 291 21.83 -1.67 13.98
N ARG E 292 23.05 -1.16 13.83
CA ARG E 292 23.94 -1.68 12.82
C ARG E 292 24.30 -3.14 13.09
N TYR E 293 24.42 -3.50 14.37
CA TYR E 293 24.64 -4.89 14.72
C TYR E 293 23.44 -5.75 14.37
N LEU E 294 22.24 -5.26 14.68
CA LEU E 294 21.03 -6.05 14.44
C LEU E 294 20.72 -6.16 12.95
N ALA E 295 21.18 -5.20 12.15
CA ALA E 295 20.86 -5.20 10.72
C ALA E 295 21.94 -5.83 9.86
N ILE E 296 23.21 -5.73 10.25
CA ILE E 296 24.33 -6.21 9.45
C ILE E 296 24.83 -7.56 9.96
N CYS E 297 24.72 -7.83 11.22
CA CYS E 297 25.26 -9.09 11.72
C CYS E 297 24.32 -10.23 11.70
N ARG E 298 23.05 -9.99 11.94
CA ARG E 298 22.11 -11.10 12.19
C ARG E 298 21.68 -12.10 11.17
N PRO E 299 21.39 -13.33 11.63
CA PRO E 299 20.90 -14.36 10.72
C PRO E 299 19.59 -13.92 10.14
N LEU E 300 19.21 -14.44 8.99
CA LEU E 300 18.02 -13.96 8.33
C LEU E 300 16.79 -14.49 9.04
N ARG E 301 16.92 -14.77 10.33
CA ARG E 301 15.77 -15.21 11.08
C ARG E 301 15.02 -14.00 11.58
N ALA E 302 15.60 -13.27 12.51
CA ALA E 302 14.90 -12.16 13.09
C ALA E 302 15.62 -10.93 12.71
N ARG E 303 15.18 -10.28 11.67
CA ARG E 303 15.97 -9.18 11.19
C ARG E 303 15.16 -7.95 10.96
N VAL E 304 13.86 -8.03 11.21
CA VAL E 304 13.04 -6.89 10.87
C VAL E 304 11.99 -6.49 11.83
N LEU E 305 11.88 -5.20 12.05
CA LEU E 305 10.80 -4.70 12.86
C LEU E 305 10.48 -3.38 12.24
N VAL E 306 11.49 -2.54 12.09
CA VAL E 306 11.32 -1.20 11.50
C VAL E 306 9.95 -0.64 11.74
N THR E 307 9.51 -0.71 12.98
CA THR E 307 8.17 -0.31 13.25
C THR E 307 7.92 1.15 13.01
N ARG E 308 8.95 1.95 12.76
CA ARG E 308 8.79 3.39 12.67
C ARG E 308 8.43 3.77 14.09
N ARG E 309 7.35 3.24 14.61
CA ARG E 309 7.02 3.42 16.02
C ARG E 309 8.23 3.14 16.90
N ARG E 310 8.97 2.08 16.57
CA ARG E 310 10.13 1.70 17.37
C ARG E 310 11.20 2.79 17.33
N VAL E 311 11.54 3.28 16.14
CA VAL E 311 12.59 4.29 16.02
C VAL E 311 12.17 5.59 16.70
N ARG E 312 10.90 5.99 16.53
CA ARG E 312 10.45 7.22 17.17
C ARG E 312 10.46 7.11 18.69
N ALA E 313 9.94 6.00 19.23
CA ALA E 313 9.96 5.82 20.68
C ALA E 313 11.39 5.73 21.21
N LEU E 314 12.29 5.15 20.42
CA LEU E 314 13.68 5.03 20.86
C LEU E 314 14.35 6.40 20.94
N ILE E 315 14.19 7.22 19.91
CA ILE E 315 14.77 8.57 19.97
C ILE E 315 14.14 9.38 21.10
N ALA E 316 12.82 9.23 21.29
CA ALA E 316 12.16 9.96 22.37
C ALA E 316 12.71 9.55 23.73
N VAL E 317 12.86 8.24 23.96
CA VAL E 317 13.35 7.75 25.25
C VAL E 317 14.79 8.17 25.47
N LEU E 318 15.61 8.13 24.41
CA LEU E 318 17.00 8.55 24.55
C LEU E 318 17.11 10.02 24.88
N TRP E 319 16.31 10.87 24.23
CA TRP E 319 16.33 12.29 24.55
C TRP E 319 15.82 12.54 25.97
N ALA E 320 14.81 11.79 26.39
CA ALA E 320 14.28 11.95 27.75
C ALA E 320 15.33 11.56 28.78
N VAL E 321 16.07 10.47 28.52
CA VAL E 321 17.12 10.05 29.45
C VAL E 321 18.25 11.08 29.47
N ALA E 322 18.58 11.66 28.31
CA ALA E 322 19.59 12.70 28.26
C ALA E 322 19.18 13.90 29.10
N LEU E 323 17.93 14.34 28.96
CA LEU E 323 17.45 15.47 29.77
C LEU E 323 17.41 15.12 31.25
N LEU E 324 17.04 13.89 31.59
CA LEU E 324 17.01 13.49 32.99
C LEU E 324 18.41 13.49 33.59
N SER E 325 19.40 13.05 32.81
CA SER E 325 20.78 13.09 33.28
C SER E 325 21.34 14.50 33.34
N ALA E 326 20.85 15.40 32.49
CA ALA E 326 21.32 16.78 32.52
C ALA E 326 20.65 17.60 33.62
N GLY E 327 19.49 17.15 34.11
CA GLY E 327 18.80 17.80 35.20
C GLY E 327 19.65 18.13 36.42
N PRO E 328 20.43 17.15 36.91
CA PRO E 328 21.34 17.43 38.03
C PRO E 328 22.28 18.59 37.77
N PHE E 329 22.59 18.90 36.51
CA PHE E 329 23.37 20.09 36.22
C PHE E 329 22.57 21.38 36.42
N LEU E 330 21.25 21.33 36.20
CA LEU E 330 20.40 22.44 36.60
C LEU E 330 20.32 22.53 38.12
N PHE E 331 20.39 21.40 38.80
CA PHE E 331 20.29 21.39 40.26
C PHE E 331 21.55 21.97 40.89
N LEU E 332 22.72 21.61 40.36
CA LEU E 332 23.97 21.92 41.05
C LEU E 332 24.41 23.37 40.85
N VAL E 333 24.42 23.83 39.60
CA VAL E 333 24.95 25.15 39.26
C VAL E 333 24.04 26.22 39.82
N GLY E 334 24.64 27.24 40.43
CA GLY E 334 23.89 28.33 41.02
C GLY E 334 24.70 29.61 41.04
N VAL E 335 24.10 30.66 41.58
CA VAL E 335 24.77 31.96 41.65
C VAL E 335 25.55 32.06 42.96
N GLU E 336 26.87 31.77 42.90
CA GLU E 336 27.77 31.93 44.04
C GLU E 336 29.08 32.53 43.53
N GLN E 337 29.34 33.78 43.91
CA GLN E 337 30.54 34.49 43.53
C GLN E 337 31.79 33.84 44.14
N GLU E 390 31.43 34.05 36.26
CA GLU E 390 31.35 33.04 35.24
C GLU E 390 30.39 32.09 35.83
N CYS E 391 29.72 32.48 36.90
CA CYS E 391 28.72 31.68 37.63
C CYS E 391 29.22 30.30 38.01
N ARG E 392 30.21 30.25 38.90
CA ARG E 392 30.75 28.96 39.23
C ARG E 392 30.01 28.35 40.42
N PRO E 393 29.95 27.03 40.51
CA PRO E 393 29.24 26.40 41.63
C PRO E 393 29.96 26.63 42.95
N SER E 394 29.19 26.50 44.03
CA SER E 394 29.73 26.72 45.36
C SER E 394 30.59 25.53 45.79
N PRO E 395 31.70 25.76 46.51
CA PRO E 395 32.54 24.67 47.01
C PRO E 395 32.00 24.02 48.28
N ALA E 396 30.71 23.69 48.27
CA ALA E 396 30.07 23.07 49.42
C ALA E 396 29.22 21.85 49.04
N GLN E 397 29.19 21.46 47.77
CA GLN E 397 28.45 20.29 47.32
C GLN E 397 29.33 19.37 46.46
N LEU E 398 30.58 19.17 46.87
CA LEU E 398 31.50 18.39 46.06
C LEU E 398 31.14 16.91 46.04
N GLY E 399 30.55 16.40 47.12
CA GLY E 399 30.21 14.99 47.17
C GLY E 399 29.12 14.62 46.18
N ALA E 400 28.07 15.45 46.10
CA ALA E 400 27.00 15.20 45.14
C ALA E 400 27.52 15.26 43.71
N LEU E 401 28.38 16.25 43.43
CA LEU E 401 28.98 16.35 42.09
C LEU E 401 29.82 15.12 41.77
N ARG E 402 30.62 14.67 42.74
CA ARG E 402 31.43 13.48 42.52
C ARG E 402 30.58 12.26 42.22
N VAL E 403 29.54 12.02 43.03
CA VAL E 403 28.74 10.81 42.84
C VAL E 403 27.95 10.89 41.53
N MET E 404 27.47 12.09 41.17
CA MET E 404 26.71 12.21 39.94
C MET E 404 27.60 11.98 38.72
N LEU E 405 28.79 12.57 38.71
CA LEU E 405 29.70 12.33 37.59
C LEU E 405 30.17 10.88 37.56
N TRP E 406 30.23 10.26 38.73
CA TRP E 406 30.58 8.85 38.75
C TRP E 406 29.43 7.99 38.26
N VAL E 407 28.18 8.41 38.34
CA VAL E 407 27.07 7.74 37.67
C VAL E 407 27.14 7.99 36.16
N THR E 408 27.55 9.19 35.75
CA THR E 408 27.67 9.49 34.33
C THR E 408 28.93 8.87 33.71
N THR E 409 29.74 8.15 34.48
CA THR E 409 30.88 7.45 33.90
C THR E 409 30.42 6.29 33.02
N ALA E 410 29.21 5.76 33.27
CA ALA E 410 28.68 4.71 32.43
C ALA E 410 28.43 5.19 31.01
N TYR E 411 28.11 6.48 30.84
CA TYR E 411 27.89 7.07 29.53
C TYR E 411 29.15 7.10 28.68
N PHE E 412 30.29 6.66 29.21
CA PHE E 412 31.51 6.50 28.44
C PHE E 412 31.98 5.05 28.37
N PHE E 413 31.72 4.26 29.41
CA PHE E 413 32.13 2.86 29.40
C PHE E 413 31.18 1.99 28.57
N LEU E 414 29.88 2.17 28.74
CA LEU E 414 28.91 1.38 27.98
C LEU E 414 28.96 1.69 26.48
N PRO E 415 29.00 2.95 26.04
CA PRO E 415 29.21 3.19 24.60
C PRO E 415 30.51 2.62 24.08
N PHE E 416 31.58 2.67 24.88
CA PHE E 416 32.83 2.05 24.47
C PHE E 416 32.71 0.53 24.46
N LEU E 417 31.97 -0.02 25.42
CA LEU E 417 31.82 -1.47 25.50
C LEU E 417 30.93 -2.03 24.39
N CYS E 418 30.03 -1.22 23.83
CA CYS E 418 29.13 -1.67 22.78
C CYS E 418 29.65 -1.35 21.38
N LEU E 419 30.02 -0.08 21.13
CA LEU E 419 30.44 0.34 19.81
C LEU E 419 31.71 -0.37 19.36
N SER E 420 32.45 -0.97 20.28
CA SER E 420 33.69 -1.67 19.95
C SER E 420 33.44 -3.12 19.56
N ILE E 421 32.66 -3.85 20.37
CA ILE E 421 32.47 -5.28 20.12
C ILE E 421 31.46 -5.50 19.00
N LEU E 422 30.43 -4.65 18.92
CA LEU E 422 29.44 -4.80 17.86
C LEU E 422 30.05 -4.51 16.50
N TYR E 423 30.74 -3.37 16.37
CA TYR E 423 31.47 -3.08 15.15
C TYR E 423 32.55 -4.13 14.90
N GLY E 424 33.08 -4.73 15.97
CA GLY E 424 34.04 -5.81 15.84
C GLY E 424 33.46 -7.01 15.11
N LEU E 425 32.30 -7.50 15.57
CA LEU E 425 31.65 -8.61 14.87
C LEU E 425 31.22 -8.21 13.47
N ILE E 426 30.77 -6.95 13.30
CA ILE E 426 30.37 -6.47 11.98
C ILE E 426 31.52 -6.55 11.00
N GLY E 427 32.70 -6.07 11.40
CA GLY E 427 33.88 -6.21 10.56
C GLY E 427 34.40 -7.63 10.45
N ARG E 428 34.08 -8.48 11.42
CA ARG E 428 34.55 -9.86 11.39
C ARG E 428 33.78 -10.67 10.35
N GLU E 429 32.45 -10.45 10.25
CA GLU E 429 31.64 -11.30 9.39
C GLU E 429 31.94 -11.07 7.90
N LEU E 430 32.04 -9.81 7.48
CA LEU E 430 32.20 -9.48 6.07
C LEU E 430 33.67 -9.39 5.66
N TRP E 431 34.57 -9.96 6.44
CA TRP E 431 35.99 -9.97 6.10
C TRP E 431 36.56 -11.38 6.23
N SER E 432 35.85 -12.24 6.95
CA SER E 432 36.29 -13.62 7.15
C SER E 432 35.17 -14.59 6.81
N GLY E 448 34.95 -3.58 -1.41
CA GLY E 448 33.93 -2.71 -0.83
C GLY E 448 33.76 -2.90 0.66
N HIS E 449 33.92 -4.14 1.12
CA HIS E 449 33.78 -4.43 2.55
C HIS E 449 34.96 -3.90 3.35
N ARG E 450 36.18 -3.99 2.78
CA ARG E 450 37.34 -3.47 3.46
C ARG E 450 37.21 -1.97 3.70
N GLN E 451 36.54 -1.27 2.78
CA GLN E 451 36.23 0.14 3.01
C GLN E 451 35.37 0.33 4.24
N THR E 452 34.38 -0.55 4.43
CA THR E 452 33.51 -0.46 5.61
C THR E 452 34.30 -0.75 6.88
N VAL E 453 35.21 -1.72 6.82
CA VAL E 453 36.04 -2.02 7.99
C VAL E 453 36.92 -0.84 8.34
N ARG E 454 37.53 -0.21 7.33
CA ARG E 454 38.36 0.96 7.57
C ARG E 454 37.53 2.11 8.14
N VAL E 455 36.30 2.28 7.64
CA VAL E 455 35.42 3.33 8.14
C VAL E 455 35.10 3.09 9.61
N LEU E 456 34.74 1.86 9.96
CA LEU E 456 34.43 1.54 11.36
C LEU E 456 35.67 1.74 12.25
N LEU E 457 36.84 1.37 11.74
CA LEU E 457 38.06 1.52 12.52
C LEU E 457 38.37 2.99 12.80
N VAL E 458 38.33 3.83 11.76
CA VAL E 458 38.62 5.24 11.96
C VAL E 458 37.53 5.89 12.81
N VAL E 459 36.30 5.38 12.72
CA VAL E 459 35.20 5.93 13.52
C VAL E 459 35.44 5.64 15.00
N VAL E 460 35.78 4.40 15.34
CA VAL E 460 36.00 4.06 16.74
C VAL E 460 37.27 4.73 17.26
N LEU E 461 38.27 4.91 16.41
CA LEU E 461 39.48 5.60 16.83
C LEU E 461 39.19 7.06 17.15
N ALA E 462 38.44 7.74 16.27
CA ALA E 462 38.06 9.12 16.56
C ALA E 462 37.19 9.21 17.80
N PHE E 463 36.25 8.27 17.94
CA PHE E 463 35.39 8.22 19.12
C PHE E 463 36.22 8.16 20.40
N ILE E 464 37.19 7.25 20.45
CA ILE E 464 38.04 7.12 21.62
C ILE E 464 38.83 8.41 21.85
N ILE E 465 39.56 8.86 20.82
CA ILE E 465 40.48 9.98 20.98
C ILE E 465 39.71 11.27 21.28
N CYS E 466 38.40 11.29 21.04
CA CYS E 466 37.62 12.49 21.30
C CYS E 466 36.80 12.42 22.58
N TRP E 467 36.46 11.22 23.06
CA TRP E 467 35.64 11.11 24.26
C TRP E 467 36.44 10.77 25.51
N LEU E 468 37.57 10.09 25.39
CA LEU E 468 38.38 9.79 26.57
C LEU E 468 38.95 11.04 27.23
N PRO E 469 39.63 11.95 26.52
CA PRO E 469 40.18 13.14 27.21
C PRO E 469 39.12 13.99 27.89
N PHE E 470 37.88 13.99 27.38
CA PHE E 470 36.81 14.72 28.04
C PHE E 470 36.59 14.20 29.46
N HIS E 471 36.38 12.88 29.60
CA HIS E 471 36.15 12.32 30.93
C HIS E 471 37.41 12.37 31.79
N VAL E 472 38.55 12.45 31.15
CA VAL E 472 39.68 12.52 31.97
C VAL E 472 39.38 13.79 32.63
N GLY E 473 38.79 14.66 31.90
CA GLY E 473 38.61 15.98 32.45
C GLY E 473 37.68 16.08 33.59
N ARG E 474 36.61 15.36 33.49
CA ARG E 474 35.67 15.50 34.51
C ARG E 474 36.35 14.97 35.69
N ILE E 475 36.90 13.79 35.55
CA ILE E 475 37.48 13.23 36.69
C ILE E 475 38.61 14.03 37.28
N ILE E 476 39.30 14.83 36.51
CA ILE E 476 40.42 15.50 37.09
C ILE E 476 39.84 16.64 37.83
N TYR E 477 39.07 17.43 37.17
CA TYR E 477 38.35 18.55 37.78
C TYR E 477 37.76 18.14 39.13
N ILE E 478 37.20 16.93 39.21
CA ILE E 478 36.67 16.47 40.49
C ILE E 478 37.78 16.05 41.46
N ASN E 479 39.02 15.94 40.99
CA ASN E 479 40.17 15.73 41.86
C ASN E 479 41.00 17.00 42.05
N THR E 480 40.37 18.17 41.97
CA THR E 480 41.08 19.43 42.16
C THR E 480 41.22 19.76 43.64
N GLU E 481 42.18 19.13 44.30
CA GLU E 481 42.41 19.35 45.74
C GLU E 481 43.57 20.32 46.01
N ASP E 482 44.46 20.52 45.04
CA ASP E 482 45.64 21.36 45.25
C ASP E 482 45.53 22.60 44.39
N SER E 483 46.37 23.59 44.69
CA SER E 483 46.36 24.84 43.93
C SER E 483 46.83 24.61 42.50
N ARG E 484 47.91 23.85 42.32
CA ARG E 484 48.37 23.53 40.96
C ARG E 484 47.34 22.69 40.22
N MET E 485 46.50 21.95 40.96
CA MET E 485 45.45 21.17 40.31
C MET E 485 44.44 22.08 39.62
N MET E 486 44.21 23.28 40.14
CA MET E 486 43.32 24.22 39.46
C MET E 486 43.89 24.62 38.09
N TYR E 487 45.18 24.93 38.02
CA TYR E 487 45.79 25.33 36.75
C TYR E 487 45.83 24.16 35.78
N PHE E 488 46.13 22.96 36.29
CA PHE E 488 46.09 21.77 35.44
C PHE E 488 44.68 21.53 34.93
N SER E 489 43.67 21.83 35.75
CA SER E 489 42.28 21.68 35.31
C SER E 489 41.97 22.64 34.18
N GLN E 490 42.39 23.89 34.28
CA GLN E 490 42.21 24.84 33.17
C GLN E 490 42.85 24.31 31.90
N TYR E 491 44.14 23.96 31.98
CA TYR E 491 44.90 23.63 30.79
C TYR E 491 44.54 22.26 30.23
N PHE E 492 43.81 21.44 30.99
CA PHE E 492 43.33 20.18 30.44
C PHE E 492 41.92 20.32 29.90
N ASN E 493 41.06 21.09 30.59
CA ASN E 493 39.69 21.26 30.13
C ASN E 493 39.63 22.09 28.85
N ILE E 494 40.60 22.98 28.63
CA ILE E 494 40.61 23.71 27.35
C ILE E 494 40.75 22.75 26.18
N VAL E 495 41.72 21.84 26.24
CA VAL E 495 41.94 20.92 25.13
C VAL E 495 40.86 19.85 25.10
N ALA E 496 40.28 19.53 26.26
CA ALA E 496 39.14 18.60 26.27
C ALA E 496 37.94 19.21 25.57
N LEU E 497 37.65 20.48 25.83
CA LEU E 497 36.58 21.18 25.13
C LEU E 497 36.86 21.25 23.63
N GLN E 498 38.11 21.53 23.25
CA GLN E 498 38.44 21.59 21.84
C GLN E 498 38.25 20.24 21.17
N LEU E 499 38.65 19.15 21.84
CA LEU E 499 38.46 17.82 21.27
C LEU E 499 37.00 17.42 21.20
N PHE E 500 36.21 17.81 22.20
CA PHE E 500 34.77 17.52 22.16
C PHE E 500 34.10 18.26 21.00
N TYR E 501 34.50 19.51 20.76
CA TYR E 501 33.93 20.25 19.64
C TYR E 501 34.42 19.68 18.31
N LEU E 502 35.66 19.21 18.24
CA LEU E 502 36.13 18.50 17.06
C LEU E 502 35.29 17.26 16.80
N SER E 503 34.93 16.54 17.87
CA SER E 503 34.04 15.39 17.73
C SER E 503 32.69 15.81 17.20
N ALA E 504 32.11 16.86 17.76
CA ALA E 504 30.80 17.35 17.31
C ALA E 504 30.83 17.82 15.86
N SER E 505 31.99 18.27 15.37
CA SER E 505 32.10 18.71 13.98
C SER E 505 32.40 17.56 13.02
N ILE E 506 33.06 16.51 13.50
CA ILE E 506 33.47 15.43 12.59
C ILE E 506 32.43 14.31 12.56
N ASN E 507 31.64 14.15 13.62
CA ASN E 507 30.63 13.08 13.66
C ASN E 507 29.69 13.06 12.46
N PRO E 508 29.08 14.18 12.03
CA PRO E 508 28.26 14.10 10.82
C PRO E 508 29.08 13.77 9.57
N ILE E 509 30.31 14.27 9.49
CA ILE E 509 31.17 13.97 8.36
C ILE E 509 31.47 12.47 8.31
N LEU E 510 31.65 11.85 9.48
CA LEU E 510 31.98 10.43 9.51
C LEU E 510 30.76 9.56 9.24
N TYR E 511 29.58 9.96 9.75
CA TYR E 511 28.43 9.08 9.67
C TYR E 511 27.53 9.36 8.46
N ASN E 512 27.75 10.46 7.75
CA ASN E 512 26.86 10.83 6.65
C ASN E 512 27.57 10.93 5.31
N LEU E 513 28.71 11.61 5.26
CA LEU E 513 29.36 11.87 3.97
C LEU E 513 29.82 10.60 3.28
N ILE E 514 30.07 9.53 4.04
CA ILE E 514 30.57 8.29 3.45
C ILE E 514 29.47 7.55 2.68
N SER E 515 28.21 7.83 3.00
CA SER E 515 27.08 7.11 2.39
C SER E 515 26.87 7.59 0.96
N LYS E 516 26.48 6.65 0.08
CA LYS E 516 26.22 6.99 -1.30
C LYS E 516 24.93 7.77 -1.45
N LYS E 517 23.91 7.42 -0.68
CA LYS E 517 22.63 8.12 -0.76
C LYS E 517 22.76 9.57 -0.33
N TYR E 518 23.56 9.82 0.71
CA TYR E 518 23.77 11.20 1.18
C TYR E 518 24.50 12.02 0.13
N ARG E 519 25.51 11.43 -0.52
CA ARG E 519 26.22 12.15 -1.57
C ARG E 519 25.33 12.40 -2.77
N ALA E 520 24.44 11.45 -3.09
CA ALA E 520 23.49 11.67 -4.18
C ALA E 520 22.52 12.79 -3.85
N ALA E 521 22.05 12.84 -2.60
CA ALA E 521 21.15 13.91 -2.19
C ALA E 521 21.86 15.26 -2.20
N ALA E 522 23.15 15.27 -1.85
CA ALA E 522 23.91 16.52 -1.89
C ALA E 522 24.14 16.96 -3.34
N PHE E 523 24.36 16.01 -4.24
CA PHE E 523 24.53 16.35 -5.65
C PHE E 523 23.24 16.88 -6.26
N LYS E 524 22.10 16.25 -5.95
CA LYS E 524 20.83 16.72 -6.48
C LYS E 524 20.37 17.99 -5.80
N LEU E 525 20.99 18.35 -4.67
CA LEU E 525 20.67 19.57 -3.95
C LEU E 525 21.06 20.78 -4.78
C10 ERY F . 37.51 28.49 33.34
C11 ERY F . 36.87 27.56 34.28
C12 ERY F . 36.55 28.22 35.58
C13 ERY F . 35.84 27.11 36.55
O2 ERY F . 34.42 27.03 36.16
C2 ERY F . 32.58 25.91 35.05
C3 ERY F . 32.53 25.20 33.76
C4 ERY F . 32.23 26.14 32.61
C5 ERY F . 32.95 25.66 31.37
C6 ERY F . 33.90 26.74 30.85
C7 ERY F . 34.75 27.36 31.87
C8 ERY F . 35.75 28.32 31.35
C9 ERY F . 37.13 28.07 31.91
O11 ERY F . 37.90 27.53 31.12
C1 ERY F . 33.99 26.01 35.58
O1 ERY F . 34.64 24.95 35.45
O3 ERY F . 31.43 24.16 33.85
O7 ERY F . 32.01 25.23 30.38
C34 ERY F . 39.05 28.35 33.41
C33 ERY F . 35.29 29.80 31.72
C35 ERY F . 35.60 29.32 35.44
O12 ERY F . 37.81 26.49 34.50
O13 ERY F . 37.70 28.70 36.18
C36 ERY F . 35.94 27.67 37.94
C30 ERY F . 31.60 25.27 36.10
C32 ERY F . 32.93 27.82 30.19
O10 ERY F . 34.69 26.24 29.74
C22 ERY F . 32.39 23.91 30.01
C23 ERY F . 31.29 23.28 29.15
C24 ERY F . 31.68 21.84 28.79
C25 ERY F . 33.08 21.87 28.14
C26 ERY F . 34.04 22.59 29.07
O9 ERY F . 33.61 23.94 29.27
N1 ERY F . 30.71 21.28 27.83
C27 ERY F . 35.44 22.60 28.46
O8 ERY F . 30.06 23.26 29.89
C28 ERY F . 30.91 21.98 26.56
C14 ERY F . 32.06 22.92 34.19
C15 ERY F . 30.99 21.92 34.59
C16 ERY F . 31.63 20.58 34.96
C17 ERY F . 32.64 20.14 33.91
C18 ERY F . 33.49 21.27 33.34
O4 ERY F . 32.77 22.45 33.05
O5 ERY F . 30.59 19.58 35.02
O6 ERY F . 31.94 19.49 32.82
C20 ERY F . 31.19 18.38 35.48
C29 ERY F . 31.09 19.88 27.62
C21 ERY F . 34.70 21.55 34.23
C37 ERY F . 35.31 26.69 38.93
C31 ERY F . 30.69 26.04 32.33
C19 ERY F . 32.28 20.67 36.34
H10 ERY F . 37.20 29.52 33.55
H11 ERY F . 35.94 27.16 33.83
H13 ERY F . 36.33 26.13 36.47
H2 ERY F . 32.23 26.94 34.88
H3 ERY F . 33.49 24.70 33.57
H4 ERY F . 32.52 27.17 32.86
H5 ERY F . 33.56 24.80 31.65
H71 ERY F . 35.26 26.54 32.40
H72 ERY F . 34.08 27.87 32.57
H8 ERY F . 35.80 28.22 30.26
H341 ERY F . 39.50 28.99 32.68
H342 ERY F . 39.33 27.34 33.20
H343 ERY F . 39.39 28.62 34.36
H331 ERY F . 36.01 30.51 31.35
H332 ERY F . 35.22 29.91 32.78
H333 ERY F . 34.34 30.00 31.28
H351 ERY F . 35.43 29.74 36.39
H352 ERY F . 34.70 28.95 35.04
H353 ERY F . 36.00 30.05 34.80
HO12 ERY F . 38.01 26.05 33.66
HO13 ERY F . 37.47 29.12 37.01
H361 ERY F . 35.41 28.62 38.00
H362 ERY F . 36.99 27.82 38.20
H301 ERY F . 31.63 25.82 37.01
H302 ERY F . 31.90 24.26 36.30
H303 ERY F . 30.61 25.26 35.73
H321 ERY F . 33.51 28.63 29.79
H322 ERY F . 32.27 28.22 30.92
H323 ERY F . 32.37 27.39 29.40
HO10 ERY F . 35.19 26.97 29.35
H22 ERY F . 32.53 23.30 30.91
H23 ERY F . 31.16 23.87 28.23
H24 ERY F . 31.71 21.23 29.70
H251 ERY F . 33.42 20.85 27.98
H252 ERY F . 33.03 22.39 27.18
H26 ERY F . 34.07 22.08 30.05
H271 ERY F . 36.11 23.09 29.11
H272 ERY F . 35.41 23.10 27.52
H273 ERY F . 35.77 21.60 28.32
HO8 ERY F . 29.81 24.18 30.11
H281 ERY F . 30.15 21.71 25.89
H282 ERY F . 31.86 21.72 26.17
H283 ERY F . 30.88 23.03 26.73
H14 ERY F . 32.76 23.07 35.03
H151 ERY F . 30.30 21.77 33.75
H152 ERY F . 30.43 22.29 35.45
H17 ERY F . 33.31 19.40 34.37
H18 ERY F . 33.88 20.91 32.38
HO6 ERY F . 32.58 19.21 32.16
H201 ERY F . 30.50 17.59 35.45
H202 ERY F . 31.53 18.51 36.48
H203 ERY F . 32.03 18.14 34.86
H291 ERY F . 30.42 19.44 26.94
H292 ERY F . 31.08 19.37 28.53
H293 ERY F . 32.07 19.85 27.20
H211 ERY F . 35.27 22.34 33.80
H212 ERY F . 35.30 20.68 34.30
H213 ERY F . 34.37 21.83 35.19
H371 ERY F . 35.38 27.07 39.92
H372 ERY F . 35.81 25.75 38.89
H373 ERY F . 34.29 26.54 38.69
H311 ERY F . 30.15 26.32 33.20
H312 ERY F . 30.44 25.04 32.08
H313 ERY F . 30.42 26.69 31.53
H191 ERY F . 31.52 20.77 37.08
H192 ERY F . 32.92 21.51 36.38
H193 ERY F . 32.84 19.79 36.52
#